data_8ZQ4
#
_entry.id   8ZQ4
#
_cell.length_a   1.00
_cell.length_b   1.00
_cell.length_c   1.00
_cell.angle_alpha   90.00
_cell.angle_beta   90.00
_cell.angle_gamma   90.00
#
_symmetry.space_group_name_H-M   'P 1'
#
loop_
_entity.id
_entity.type
_entity.pdbx_description
1 polymer 'ABC transporter B family member 1'
2 non-polymer "ADENOSINE-5'-TRIPHOSPHATE"
3 non-polymer Brassinolide
#
_entity_poly.entity_id   1
_entity_poly.type   'polypeptide(L)'
_entity_poly.pdbx_seq_one_letter_code
;MDNDGGAPPPPPTLVVEEPKKAEIRGVAFKELFRFADGLDYVLMGIGSVGAFVHGCSLPLFLRFFADLVNSFGSNSNNVE
KMMEEVLKYALYFLVVGAAIWASSWAEISCWMWSGERQTTKMRIKYLEAALNQDIQFFDTEVRTSDVVFAINTDAVMVQD
AISEKLGNFIHYMATFVSGFIVGFTAVWQLALVTLAVVPLIAVIGGIHTTTLSKLSNKSQESLSQAGNIVEQTVVQIRVV
MAFVGESRASQAYSSALKIAQKLGYKTGLAKGMGLGATYFVVFCCYALLLWYGGYLVRHHLTNGGLAIATMFAVMIGGLA
LGQSAPSMAAFAKAKVAAAKIFRIIDHKPTIERNSESGVELDSVTGLVELKNVDFSYPSRPDVKILNNFCLSVPAGKTIA
LVGSSGSGKSTVVSLIERFYDPNSGQVLLDGQDLKTLKLRWLRQQIGLVSQEPALFATSIKENILLGRPDADQVEIEEAA
RVANAHSFIIKLPDGFDTQVGERGLQLSGGQKQRIAIARAMLKNPAILLLDQATSALDSESEKLVQEALDRFMIGRTTLI
IAHRLSTIRKADLVAVLQQGSVSEIGTHDELFSKGENGVYAKLIKMQEAAHETAMSNARKSSARPSSARNSVSSPIMTRN
SSYGRSPYSRRLSDFSTSDFSLSIDASSYPNYRNEKLAFKDQANSFWRLAKMNSPEWKYALLGSVGSVICGSLSAFFAYV
LSAVLSVYYNPDHEYMIKQIDKYCYLLIGLSSAALVFNTLQHSFWDIVGENLTKRVREKMLSAVLKNEMAWFDQEENESA
RIAARLALDANNVRSAIGDRISVIVQNTALMLVACTAGFVLQWRLALVLVAVFPVVVAATVLQKMFMTGFSGDLEAAHAK
GTQLAGEAIANVRTVAAFNSEAKIVRLYTANLEPPLKRCFWKGQIAGSGYGVAQFCLYASYALGLWYASWLVKHGISDFS
KTIRVFMVLMVSANGAAETLTLAPDFIKGGQAMRSVFELLDRKTEIEPDDPDTTPVPDRLRGEVELKHIDFSYPSRPDIQ
IFRDLSLRARAGKTLALVGPSGCGKSSVISLIQRFYEPSSGRVMIDGKDIRKYNLKAIRKHIAIVPQEPCLFGTTIYENI
AYGHECATEAEIIQAATLASAHKFISALPEGYKTYVGERGVQLSGGQKQRIAIARALVRKAEIMLLDQATSALDAESERS
VQEALDQACSGRTSIVVAHRLSTIRNAHVIAVIDDGKVAEQGSHSHLLKNHPDGIYARMIQLQRFTHTQVIGMTSGSSSR
VKEDDA
;
_entity_poly.pdbx_strand_id   B
#
loop_
_chem_comp.id
_chem_comp.type
_chem_comp.name
_chem_comp.formula
ATP non-polymer ADENOSINE-5'-TRIPHOSPHATE 'C10 H16 N5 O13 P3'
BLD non-polymer Brassinolide 'C28 H48 O6'
#
# COMPACT_ATOMS: atom_id res chain seq x y z
N GLY A 26 -8.88 20.03 17.41
CA GLY A 26 -9.05 19.93 18.84
C GLY A 26 -10.40 20.44 19.31
N VAL A 27 -11.39 19.56 19.40
CA VAL A 27 -12.71 19.99 19.83
C VAL A 27 -12.67 20.18 21.34
N ALA A 28 -12.60 19.07 22.06
CA ALA A 28 -12.53 18.96 23.51
C ALA A 28 -12.45 17.48 23.82
N PHE A 29 -12.35 17.14 25.10
CA PHE A 29 -12.78 15.80 25.48
C PHE A 29 -14.26 15.89 25.79
N LYS A 30 -14.90 14.73 26.04
CA LYS A 30 -16.33 14.55 26.37
C LYS A 30 -17.28 15.22 25.36
N GLU A 31 -16.81 15.43 24.14
CA GLU A 31 -17.68 15.69 23.00
C GLU A 31 -17.50 14.63 21.92
N LEU A 32 -16.53 13.73 22.11
CA LEU A 32 -16.43 12.56 21.25
C LEU A 32 -17.65 11.66 21.41
N PHE A 33 -18.15 11.55 22.63
CA PHE A 33 -19.23 10.62 22.94
C PHE A 33 -20.59 11.26 22.66
N ARG A 34 -20.76 11.85 21.48
CA ARG A 34 -21.99 12.56 21.18
C ARG A 34 -22.97 11.71 20.40
N PHE A 35 -22.53 10.59 19.83
CA PHE A 35 -23.40 9.64 19.17
C PHE A 35 -23.96 8.62 20.15
N ALA A 36 -23.67 8.78 21.43
CA ALA A 36 -24.05 7.81 22.44
C ALA A 36 -25.56 7.86 22.68
N ASP A 37 -26.08 6.76 23.21
CA ASP A 37 -27.50 6.61 23.44
C ASP A 37 -27.67 5.94 24.80
N GLY A 38 -28.85 5.40 25.05
CA GLY A 38 -29.13 4.79 26.35
C GLY A 38 -28.29 3.55 26.62
N LEU A 39 -28.22 2.65 25.64
CA LEU A 39 -27.53 1.39 25.86
C LEU A 39 -26.02 1.54 25.89
N ASP A 40 -25.48 2.55 25.23
CA ASP A 40 -24.04 2.79 25.32
C ASP A 40 -23.63 3.51 26.59
N TYR A 41 -24.58 3.96 27.39
CA TYR A 41 -24.28 4.33 28.76
C TYR A 41 -24.41 3.16 29.72
N VAL A 42 -24.71 1.97 29.23
CA VAL A 42 -24.63 0.76 30.05
C VAL A 42 -23.34 0.02 29.78
N LEU A 43 -22.89 -0.03 28.53
CA LEU A 43 -21.67 -0.74 28.21
C LEU A 43 -20.42 0.02 28.60
N MET A 44 -20.53 1.22 29.14
CA MET A 44 -19.38 1.89 29.73
C MET A 44 -19.39 1.88 31.26
N GLY A 45 -20.54 1.66 31.89
CA GLY A 45 -20.53 1.39 33.31
C GLY A 45 -19.87 0.06 33.62
N ILE A 46 -20.29 -0.99 32.91
CA ILE A 46 -19.69 -2.30 33.06
C ILE A 46 -18.26 -2.30 32.55
N GLY A 47 -17.97 -1.52 31.52
CA GLY A 47 -16.61 -1.47 31.03
C GLY A 47 -15.67 -0.62 31.86
N SER A 48 -16.16 0.01 32.93
CA SER A 48 -15.31 0.77 33.83
C SER A 48 -15.08 0.06 35.16
N VAL A 49 -16.14 -0.34 35.85
CA VAL A 49 -16.02 -1.05 37.12
C VAL A 49 -15.35 -2.39 36.92
N GLY A 50 -15.76 -3.14 35.89
CA GLY A 50 -15.11 -4.40 35.59
C GLY A 50 -13.67 -4.26 35.11
N ALA A 51 -13.28 -3.08 34.66
CA ALA A 51 -11.88 -2.79 34.39
C ALA A 51 -11.19 -2.15 35.58
N PHE A 52 -11.90 -2.02 36.69
CA PHE A 52 -11.31 -1.55 37.94
C PHE A 52 -11.02 -2.69 38.89
N VAL A 53 -11.79 -3.77 38.80
CA VAL A 53 -11.50 -4.97 39.58
C VAL A 53 -10.25 -5.66 39.04
N HIS A 54 -10.09 -5.66 37.72
CA HIS A 54 -8.91 -6.26 37.10
C HIS A 54 -7.66 -5.45 37.35
N GLY A 55 -7.80 -4.18 37.71
CA GLY A 55 -6.65 -3.39 38.03
C GLY A 55 -6.13 -3.68 39.43
N CYS A 56 -7.04 -3.76 40.40
CA CYS A 56 -6.70 -4.07 41.79
C CYS A 56 -6.66 -5.55 42.04
N SER A 57 -5.89 -6.31 41.27
CA SER A 57 -5.77 -7.73 41.51
C SER A 57 -4.34 -8.14 41.80
N LEU A 58 -3.42 -7.77 40.93
CA LEU A 58 -2.03 -8.17 41.10
C LEU A 58 -1.37 -7.48 42.30
N PRO A 59 -1.79 -6.29 42.75
CA PRO A 59 -1.48 -5.93 44.14
C PRO A 59 -2.17 -6.80 45.19
N LEU A 60 -3.48 -7.02 45.13
CA LEU A 60 -4.14 -7.84 46.15
C LEU A 60 -4.04 -9.32 45.91
N PHE A 61 -3.17 -9.76 45.00
CA PHE A 61 -2.70 -11.13 45.01
C PHE A 61 -1.43 -11.29 45.82
N LEU A 62 -0.57 -10.26 45.84
CA LEU A 62 0.68 -10.39 46.56
C LEU A 62 0.47 -10.38 48.06
N ARG A 63 -0.57 -9.71 48.55
CA ARG A 63 -0.75 -9.70 49.99
C ARG A 63 -1.47 -10.96 50.48
N PHE A 64 -2.11 -11.72 49.59
CA PHE A 64 -2.47 -13.07 49.97
C PHE A 64 -1.29 -14.01 49.81
N PHE A 65 -0.23 -13.56 49.14
CA PHE A 65 0.98 -14.35 49.04
C PHE A 65 1.96 -14.04 50.14
N ALA A 66 1.99 -12.79 50.61
CA ALA A 66 2.83 -12.49 51.76
C ALA A 66 2.27 -13.12 53.01
N ASP A 67 0.96 -13.10 53.19
CA ASP A 67 0.36 -13.70 54.37
C ASP A 67 0.36 -15.22 54.33
N LEU A 68 0.51 -15.83 53.16
CA LEU A 68 0.63 -17.29 53.12
C LEU A 68 1.98 -17.73 53.64
N VAL A 69 3.06 -17.25 52.99
CA VAL A 69 4.42 -17.65 53.32
C VAL A 69 4.77 -17.29 54.75
N ASN A 70 4.28 -16.14 55.23
CA ASN A 70 4.54 -15.74 56.61
C ASN A 70 3.85 -16.67 57.60
N SER A 71 2.75 -17.29 57.22
CA SER A 71 2.11 -18.27 58.10
C SER A 71 2.62 -19.67 57.84
N PHE A 72 2.89 -19.99 56.59
CA PHE A 72 3.46 -21.28 56.20
C PHE A 72 4.86 -21.47 56.77
N GLY A 73 5.57 -20.37 57.04
CA GLY A 73 6.98 -20.47 57.39
C GLY A 73 7.35 -20.10 58.80
N SER A 74 6.42 -19.50 59.54
CA SER A 74 6.67 -19.14 60.92
C SER A 74 5.84 -19.99 61.88
N ASN A 75 5.50 -21.21 61.47
CA ASN A 75 4.86 -22.19 62.32
C ASN A 75 5.52 -23.54 62.12
N SER A 76 6.85 -23.57 62.18
CA SER A 76 7.63 -24.77 61.91
C SER A 76 7.69 -25.73 63.10
N ASN A 77 6.88 -25.53 64.14
CA ASN A 77 6.81 -26.45 65.26
C ASN A 77 5.39 -26.92 65.57
N ASN A 78 4.38 -26.16 65.19
CA ASN A 78 2.99 -26.53 65.44
C ASN A 78 2.36 -26.84 64.09
N VAL A 79 2.23 -28.12 63.78
CA VAL A 79 1.77 -28.55 62.47
C VAL A 79 0.27 -28.33 62.29
N GLU A 80 -0.48 -28.17 63.38
CA GLU A 80 -1.91 -27.92 63.26
C GLU A 80 -2.20 -26.53 62.68
N LYS A 81 -1.37 -25.55 63.01
CA LYS A 81 -1.46 -24.26 62.32
C LYS A 81 -0.56 -24.22 61.09
N MET A 82 -0.64 -25.27 60.29
CA MET A 82 -0.10 -25.32 58.94
C MET A 82 -1.18 -25.66 57.94
N MET A 83 -2.03 -26.63 58.29
CA MET A 83 -3.10 -27.07 57.38
C MET A 83 -4.16 -26.00 57.22
N GLU A 84 -4.81 -25.62 58.32
CA GLU A 84 -5.91 -24.68 58.24
C GLU A 84 -5.41 -23.25 58.00
N GLU A 85 -4.10 -23.03 58.02
CA GLU A 85 -3.58 -21.74 57.60
C GLU A 85 -3.34 -21.70 56.09
N VAL A 86 -2.65 -22.69 55.54
CA VAL A 86 -2.34 -22.67 54.11
C VAL A 86 -3.60 -22.94 53.29
N LEU A 87 -4.42 -23.92 53.72
CA LEU A 87 -5.64 -24.23 52.97
C LEU A 87 -6.67 -23.10 53.04
N LYS A 88 -6.58 -22.21 54.03
CA LYS A 88 -7.43 -21.03 53.98
C LYS A 88 -6.96 -20.06 52.91
N TYR A 89 -5.65 -19.82 52.82
CA TYR A 89 -5.14 -18.89 51.83
C TYR A 89 -4.99 -19.49 50.44
N ALA A 90 -5.05 -20.81 50.30
CA ALA A 90 -5.19 -21.42 48.99
C ALA A 90 -6.66 -21.54 48.57
N LEU A 91 -7.56 -20.87 49.29
CA LEU A 91 -8.89 -20.56 48.80
C LEU A 91 -9.12 -19.06 48.69
N TYR A 92 -8.09 -18.26 48.93
CA TYR A 92 -8.13 -16.87 48.53
C TYR A 92 -7.37 -16.65 47.23
N PHE A 93 -6.87 -17.72 46.61
CA PHE A 93 -6.33 -17.59 45.26
C PHE A 93 -7.35 -17.96 44.21
N LEU A 94 -8.25 -18.89 44.52
CA LEU A 94 -9.28 -19.25 43.55
C LEU A 94 -10.31 -18.14 43.41
N VAL A 95 -10.61 -17.44 44.50
CA VAL A 95 -11.49 -16.28 44.43
C VAL A 95 -10.84 -15.16 43.63
N VAL A 96 -9.58 -14.83 43.95
CA VAL A 96 -8.79 -13.91 43.15
C VAL A 96 -8.57 -14.47 41.75
N GLY A 97 -8.57 -15.80 41.62
CA GLY A 97 -8.66 -16.40 40.31
C GLY A 97 -10.00 -16.14 39.63
N ALA A 98 -11.10 -16.63 40.21
CA ALA A 98 -12.39 -16.60 39.54
C ALA A 98 -12.96 -15.21 39.37
N ALA A 99 -12.51 -14.24 40.17
CA ALA A 99 -12.90 -12.86 39.91
C ALA A 99 -12.07 -12.22 38.81
N ILE A 100 -11.30 -12.99 38.05
CA ILE A 100 -10.80 -12.56 36.75
C ILE A 100 -11.38 -13.42 35.62
N TRP A 101 -12.55 -14.00 35.86
CA TRP A 101 -13.48 -14.24 34.75
C TRP A 101 -14.37 -13.04 34.52
N ALA A 102 -15.12 -12.64 35.55
CA ALA A 102 -16.07 -11.55 35.43
C ALA A 102 -15.43 -10.19 35.62
N SER A 103 -14.13 -10.08 35.38
CA SER A 103 -13.49 -8.79 35.31
C SER A 103 -12.48 -8.71 34.18
N SER A 104 -12.36 -9.74 33.36
CA SER A 104 -11.64 -9.65 32.11
C SER A 104 -12.40 -10.24 30.93
N TRP A 105 -13.58 -10.80 31.16
CA TRP A 105 -14.52 -11.10 30.10
C TRP A 105 -15.61 -10.05 30.04
N ALA A 106 -15.45 -8.97 30.81
CA ALA A 106 -16.34 -7.82 30.71
C ALA A 106 -15.58 -6.54 30.42
N GLU A 107 -14.27 -6.52 30.57
CA GLU A 107 -13.50 -5.37 30.13
C GLU A 107 -13.21 -5.47 28.64
N ILE A 108 -12.78 -6.63 28.18
CA ILE A 108 -12.38 -6.77 26.79
C ILE A 108 -13.59 -6.89 25.88
N SER A 109 -14.75 -7.28 26.41
CA SER A 109 -15.91 -7.47 25.57
C SER A 109 -17.03 -6.48 25.82
N CYS A 110 -16.75 -5.37 26.48
CA CYS A 110 -17.68 -4.25 26.50
C CYS A 110 -17.03 -2.92 26.19
N TRP A 111 -15.78 -2.92 25.75
CA TRP A 111 -15.25 -1.74 25.09
C TRP A 111 -15.10 -1.95 23.59
N MET A 112 -14.76 -3.16 23.15
CA MET A 112 -14.68 -3.36 21.70
C MET A 112 -16.03 -3.51 21.05
N TRP A 113 -17.12 -3.50 21.81
CA TRP A 113 -18.46 -3.43 21.27
C TRP A 113 -19.10 -2.06 21.51
N SER A 114 -18.55 -1.26 22.41
CA SER A 114 -18.97 0.13 22.52
C SER A 114 -18.12 1.07 21.68
N GLY A 115 -17.17 0.53 20.91
CA GLY A 115 -16.52 1.30 19.86
C GLY A 115 -16.98 0.90 18.48
N GLU A 116 -18.12 0.23 18.38
CA GLU A 116 -18.74 -0.19 17.15
C GLU A 116 -20.18 0.31 17.06
N ARG A 117 -20.66 0.91 18.14
CA ARG A 117 -21.92 1.61 18.08
C ARG A 117 -21.75 3.11 18.15
N GLN A 118 -20.51 3.60 18.23
CA GLN A 118 -20.26 5.02 18.19
C GLN A 118 -19.36 5.42 17.04
N THR A 119 -18.70 4.47 16.39
CA THR A 119 -18.00 4.81 15.17
C THR A 119 -18.85 4.50 13.95
N THR A 120 -19.59 3.39 13.99
CA THR A 120 -20.44 3.02 12.86
C THR A 120 -21.61 4.00 12.70
N LYS A 121 -22.19 4.48 13.79
CA LYS A 121 -23.18 5.54 13.61
C LYS A 121 -22.55 6.89 13.29
N MET A 122 -21.23 7.00 13.30
CA MET A 122 -20.62 8.24 12.84
C MET A 122 -20.39 8.21 11.33
N ARG A 123 -20.04 7.04 10.79
CA ARG A 123 -19.77 6.95 9.36
C ARG A 123 -21.03 7.06 8.53
N ILE A 124 -22.19 6.74 9.11
CA ILE A 124 -23.45 6.93 8.39
C ILE A 124 -23.77 8.40 8.27
N LYS A 125 -23.65 9.15 9.37
CA LYS A 125 -23.94 10.59 9.30
C LYS A 125 -22.86 11.36 8.56
N TYR A 126 -21.68 10.79 8.37
CA TYR A 126 -20.68 11.46 7.56
C TYR A 126 -20.92 11.24 6.07
N LEU A 127 -21.85 10.39 5.71
CA LEU A 127 -22.24 10.28 4.32
C LEU A 127 -23.64 10.78 4.07
N GLU A 128 -24.45 10.98 5.12
CA GLU A 128 -25.70 11.70 4.93
C GLU A 128 -25.47 13.19 4.86
N ALA A 129 -24.29 13.66 5.24
CA ALA A 129 -24.02 15.09 5.21
C ALA A 129 -22.78 15.44 4.39
N ALA A 130 -22.42 14.63 3.40
CA ALA A 130 -21.48 15.03 2.39
C ALA A 130 -22.03 14.89 0.98
N LEU A 131 -22.75 13.80 0.69
CA LEU A 131 -23.42 13.70 -0.60
C LEU A 131 -24.64 14.60 -0.66
N ASN A 132 -25.16 15.02 0.49
CA ASN A 132 -26.24 15.99 0.58
C ASN A 132 -25.71 17.41 0.68
N GLN A 133 -24.54 17.65 0.12
CA GLN A 133 -23.90 18.95 0.19
C GLN A 133 -23.60 19.38 -1.23
N ASP A 134 -23.68 20.68 -1.50
CA ASP A 134 -23.59 21.17 -2.87
C ASP A 134 -22.16 21.09 -3.37
N ILE A 135 -22.01 21.18 -4.70
CA ILE A 135 -20.72 20.96 -5.36
C ILE A 135 -19.72 22.05 -5.02
N GLN A 136 -20.22 23.26 -4.72
CA GLN A 136 -19.37 24.38 -4.35
C GLN A 136 -18.63 24.12 -3.04
N PHE A 137 -19.20 23.29 -2.17
CA PHE A 137 -18.51 22.86 -0.97
C PHE A 137 -17.26 22.04 -1.30
N PHE A 138 -17.27 21.33 -2.42
CA PHE A 138 -16.10 20.60 -2.87
C PHE A 138 -15.16 21.48 -3.69
N ASP A 139 -15.42 22.78 -3.76
CA ASP A 139 -14.60 23.71 -4.52
C ASP A 139 -13.90 24.74 -3.64
N THR A 140 -14.67 25.51 -2.86
CA THR A 140 -14.08 26.56 -2.04
C THR A 140 -13.76 26.11 -0.62
N GLU A 141 -14.45 25.10 -0.10
CA GLU A 141 -14.00 24.39 1.09
C GLU A 141 -13.13 23.21 0.65
N VAL A 142 -12.95 22.25 1.57
CA VAL A 142 -12.08 21.08 1.49
C VAL A 142 -12.11 20.34 0.15
N ARG A 143 -10.93 19.92 -0.30
CA ARG A 143 -10.72 19.13 -1.52
C ARG A 143 -11.46 17.80 -1.45
N THR A 144 -11.67 17.20 -2.62
CA THR A 144 -12.29 15.89 -2.69
C THR A 144 -11.27 14.78 -2.52
N SER A 145 -9.98 15.16 -2.46
CA SER A 145 -8.93 14.19 -2.23
C SER A 145 -8.85 13.75 -0.78
N ASP A 146 -9.30 14.59 0.15
CA ASP A 146 -9.14 14.33 1.57
C ASP A 146 -10.43 13.82 2.23
N VAL A 147 -11.60 14.20 1.73
CA VAL A 147 -12.83 13.73 2.33
C VAL A 147 -13.08 12.27 2.01
N VAL A 148 -12.42 11.73 0.98
CA VAL A 148 -12.39 10.29 0.78
C VAL A 148 -11.31 9.67 1.65
N PHE A 149 -10.29 10.45 2.02
CA PHE A 149 -9.24 9.97 2.91
C PHE A 149 -9.71 9.94 4.35
N ALA A 150 -10.38 11.01 4.79
CA ALA A 150 -10.69 11.20 6.21
C ALA A 150 -11.76 10.25 6.73
N ILE A 151 -12.48 9.55 5.85
CA ILE A 151 -13.40 8.53 6.33
C ILE A 151 -12.64 7.24 6.64
N ASN A 152 -11.39 7.13 6.21
CA ASN A 152 -10.65 5.90 6.40
C ASN A 152 -9.62 6.01 7.51
N THR A 153 -8.92 7.14 7.60
CA THR A 153 -7.82 7.24 8.55
C THR A 153 -8.25 7.95 9.83
N ASP A 154 -9.18 8.91 9.73
CA ASP A 154 -9.62 9.61 10.92
C ASP A 154 -10.70 8.83 11.67
N ALA A 155 -11.58 8.13 10.96
CA ALA A 155 -12.59 7.34 11.65
C ALA A 155 -12.06 6.01 12.14
N VAL A 156 -10.76 5.77 12.10
CA VAL A 156 -10.15 4.66 12.82
C VAL A 156 -9.41 5.15 14.06
N MET A 157 -8.60 6.21 13.94
CA MET A 157 -7.89 6.70 15.11
C MET A 157 -8.77 7.47 16.07
N VAL A 158 -10.03 7.73 15.72
CA VAL A 158 -11.01 8.08 16.75
C VAL A 158 -11.50 6.83 17.44
N GLN A 159 -11.73 5.75 16.69
CA GLN A 159 -12.26 4.51 17.25
C GLN A 159 -11.30 3.87 18.24
N ASP A 160 -10.01 4.10 18.09
CA ASP A 160 -9.03 3.56 19.03
C ASP A 160 -8.92 4.41 20.29
N ALA A 161 -9.79 5.39 20.49
CA ALA A 161 -9.79 6.18 21.71
C ALA A 161 -11.16 6.24 22.36
N ILE A 162 -12.13 5.49 21.85
CA ILE A 162 -13.26 5.12 22.68
C ILE A 162 -13.05 3.74 23.26
N SER A 163 -12.60 2.81 22.43
CA SER A 163 -12.62 1.40 22.82
C SER A 163 -11.40 1.01 23.66
N GLU A 164 -10.23 1.03 23.05
CA GLU A 164 -9.10 0.37 23.68
C GLU A 164 -8.36 1.29 24.63
N LYS A 165 -7.91 2.45 24.15
CA LYS A 165 -7.02 3.28 24.94
C LYS A 165 -7.75 4.09 26.00
N LEU A 166 -9.03 3.87 26.21
CA LEU A 166 -9.65 4.30 27.45
C LEU A 166 -9.78 3.14 28.42
N GLY A 167 -10.00 1.93 27.91
CA GLY A 167 -10.08 0.77 28.79
C GLY A 167 -8.73 0.39 29.37
N ASN A 168 -7.66 0.68 28.63
CA ASN A 168 -6.32 0.49 29.18
C ASN A 168 -5.84 1.70 29.97
N PHE A 169 -6.74 2.57 30.39
CA PHE A 169 -6.32 3.72 31.19
C PHE A 169 -6.98 3.74 32.55
N ILE A 170 -8.20 3.24 32.68
CA ILE A 170 -8.75 3.02 34.01
C ILE A 170 -8.00 1.89 34.69
N HIS A 171 -7.71 0.84 33.91
CA HIS A 171 -6.96 -0.33 34.36
C HIS A 171 -5.59 0.00 34.95
N TYR A 172 -4.97 1.09 34.53
CA TYR A 172 -3.68 1.43 35.10
C TYR A 172 -3.80 2.23 36.38
N MET A 173 -4.70 3.21 36.42
CA MET A 173 -4.91 3.97 37.64
C MET A 173 -5.51 3.13 38.75
N ALA A 174 -6.11 1.99 38.42
CA ALA A 174 -6.50 1.05 39.45
C ALA A 174 -5.30 0.30 40.00
N THR A 175 -4.38 -0.12 39.12
CA THR A 175 -3.17 -0.78 39.60
C THR A 175 -2.24 0.20 40.29
N PHE A 176 -2.20 1.44 39.81
CA PHE A 176 -1.28 2.44 40.37
C PHE A 176 -1.65 2.83 41.79
N VAL A 177 -2.93 3.13 42.04
CA VAL A 177 -3.32 3.53 43.39
C VAL A 177 -3.29 2.32 44.32
N SER A 178 -3.68 1.16 43.82
CA SER A 178 -3.48 -0.06 44.61
C SER A 178 -2.03 -0.51 44.63
N GLY A 179 -1.15 0.12 43.86
CA GLY A 179 0.27 -0.13 44.04
C GLY A 179 0.84 0.57 45.24
N PHE A 180 0.16 1.59 45.77
CA PHE A 180 0.69 2.37 46.88
C PHE A 180 -0.16 2.28 48.14
N ILE A 181 -1.14 1.39 48.19
CA ILE A 181 -1.88 1.18 49.43
C ILE A 181 -1.68 -0.24 49.97
N VAL A 182 -1.41 -1.21 49.10
CA VAL A 182 -0.83 -2.47 49.57
C VAL A 182 0.67 -2.35 49.75
N GLY A 183 1.22 -1.17 49.44
CA GLY A 183 2.62 -0.83 49.56
C GLY A 183 2.86 -0.09 50.87
N PHE A 184 2.79 1.24 50.85
CA PHE A 184 3.09 2.12 51.99
C PHE A 184 2.38 1.81 53.30
N THR A 185 1.31 1.04 53.30
CA THR A 185 0.93 0.32 54.51
C THR A 185 1.06 -1.16 54.24
N ALA A 186 2.31 -1.62 54.14
CA ALA A 186 2.71 -2.95 54.55
C ALA A 186 3.94 -2.79 55.43
N VAL A 187 4.92 -2.05 54.90
CA VAL A 187 6.15 -1.66 55.58
C VAL A 187 6.43 -0.22 55.16
N TRP A 188 6.65 0.67 56.14
CA TRP A 188 7.01 2.04 55.82
C TRP A 188 8.34 2.13 55.10
N GLN A 189 9.40 1.77 55.81
CA GLN A 189 10.73 2.22 55.43
C GLN A 189 11.34 1.44 54.28
N LEU A 190 10.68 0.41 53.76
CA LEU A 190 11.17 -0.26 52.57
C LEU A 190 10.33 0.11 51.35
N ALA A 191 9.30 0.92 51.55
CA ALA A 191 8.59 1.52 50.43
C ALA A 191 9.22 2.83 49.99
N LEU A 192 9.69 3.64 50.94
CA LEU A 192 10.34 4.90 50.61
C LEU A 192 11.63 4.69 49.84
N VAL A 193 12.36 3.60 50.11
CA VAL A 193 13.59 3.37 49.38
C VAL A 193 13.28 2.88 47.98
N THR A 194 12.27 2.01 47.85
CA THR A 194 11.93 1.43 46.55
C THR A 194 11.40 2.49 45.60
N LEU A 195 10.72 3.50 46.13
CA LEU A 195 10.22 4.58 45.30
C LEU A 195 11.36 5.49 44.84
N ALA A 196 12.52 5.42 45.48
CA ALA A 196 13.69 6.08 44.96
C ALA A 196 14.53 5.16 44.08
N VAL A 197 13.91 4.17 43.44
CA VAL A 197 14.61 3.31 42.49
C VAL A 197 13.93 3.33 41.12
N VAL A 198 12.60 3.22 41.11
CA VAL A 198 11.75 3.27 39.92
C VAL A 198 12.03 4.46 38.99
N PRO A 199 12.44 5.65 39.46
CA PRO A 199 13.04 6.62 38.52
C PRO A 199 14.27 6.09 37.78
N LEU A 200 15.20 5.44 38.47
CA LEU A 200 16.42 4.99 37.81
C LEU A 200 16.19 3.83 36.84
N ILE A 201 15.04 3.16 36.90
CA ILE A 201 14.72 2.17 35.88
C ILE A 201 14.02 2.84 34.70
N ALA A 202 12.98 3.62 35.00
CA ALA A 202 12.11 4.14 33.96
C ALA A 202 12.77 5.23 33.13
N VAL A 203 13.84 5.86 33.62
CA VAL A 203 14.54 6.83 32.79
C VAL A 203 15.55 6.13 31.88
N ILE A 204 15.81 4.85 32.11
CA ILE A 204 16.70 4.10 31.22
C ILE A 204 15.90 3.30 30.20
N GLY A 205 14.71 2.84 30.55
CA GLY A 205 13.77 2.35 29.55
C GLY A 205 13.27 3.43 28.61
N GLY A 206 13.40 4.70 29.00
CA GLY A 206 13.08 5.78 28.08
C GLY A 206 14.20 6.06 27.10
N ILE A 207 15.45 5.84 27.53
CA ILE A 207 16.57 5.93 26.60
C ILE A 207 16.51 4.80 25.58
N HIS A 208 16.03 3.63 26.02
CA HIS A 208 16.00 2.46 25.15
C HIS A 208 14.99 2.62 24.02
N THR A 209 13.87 3.29 24.29
CA THR A 209 12.83 3.40 23.27
C THR A 209 13.09 4.52 22.27
N THR A 210 13.97 5.46 22.59
CA THR A 210 14.19 6.60 21.69
C THR A 210 15.34 6.37 20.73
N THR A 211 16.47 5.88 21.24
CA THR A 211 17.67 5.75 20.41
C THR A 211 17.56 4.64 19.38
N LEU A 212 16.62 3.70 19.57
CA LEU A 212 16.25 2.83 18.46
C LEU A 212 15.48 3.59 17.40
N SER A 213 14.59 4.49 17.81
CA SER A 213 13.73 5.19 16.85
C SER A 213 14.50 6.22 16.05
N LYS A 214 15.68 6.62 16.50
CA LYS A 214 16.56 7.42 15.64
C LYS A 214 17.04 6.58 14.46
N LEU A 215 17.57 5.39 14.72
CA LEU A 215 18.01 4.52 13.63
C LEU A 215 16.86 3.85 12.91
N SER A 216 15.68 3.79 13.51
CA SER A 216 14.55 3.16 12.84
C SER A 216 13.98 4.04 11.74
N ASN A 217 14.38 5.31 11.68
CA ASN A 217 13.93 6.19 10.62
C ASN A 217 15.07 6.74 9.78
N LYS A 218 16.31 6.40 10.12
CA LYS A 218 17.40 6.64 9.19
C LYS A 218 17.73 5.40 8.36
N SER A 219 17.40 4.21 8.86
CA SER A 219 17.67 2.99 8.09
C SER A 219 16.70 2.85 6.93
N GLN A 220 15.40 2.78 7.22
CA GLN A 220 14.39 2.53 6.19
C GLN A 220 14.28 3.67 5.20
N GLU A 221 14.69 4.89 5.59
CA GLU A 221 14.76 5.97 4.63
C GLU A 221 15.86 5.72 3.61
N SER A 222 16.97 5.10 4.04
CA SER A 222 18.01 4.74 3.08
C SER A 222 17.56 3.59 2.20
N LEU A 223 16.66 2.74 2.69
CA LEU A 223 16.12 1.68 1.85
C LEU A 223 15.14 2.21 0.82
N SER A 224 14.49 3.33 1.09
CA SER A 224 13.69 3.97 0.05
C SER A 224 14.56 4.67 -0.98
N GLN A 225 15.77 5.08 -0.61
CA GLN A 225 16.73 5.56 -1.60
C GLN A 225 17.18 4.42 -2.50
N ALA A 226 17.54 3.28 -1.91
CA ALA A 226 17.93 2.11 -2.67
C ALA A 226 16.76 1.18 -2.94
N GLY A 227 15.54 1.71 -3.03
CA GLY A 227 14.39 0.92 -3.38
C GLY A 227 13.81 1.31 -4.72
N ASN A 228 14.13 2.53 -5.17
CA ASN A 228 13.73 2.99 -6.48
C ASN A 228 14.82 2.82 -7.53
N ILE A 229 16.00 2.36 -7.12
CA ILE A 229 17.02 1.98 -8.09
C ILE A 229 16.61 0.74 -8.87
N VAL A 230 15.77 -0.14 -8.30
CA VAL A 230 15.19 -1.19 -9.12
C VAL A 230 14.02 -0.64 -9.93
N GLU A 231 13.33 0.39 -9.44
CA GLU A 231 12.24 0.99 -10.20
C GLU A 231 12.75 1.76 -11.41
N GLN A 232 13.98 2.24 -11.36
CA GLN A 232 14.59 2.85 -12.53
C GLN A 232 15.20 1.82 -13.47
N THR A 233 14.90 0.53 -13.26
CA THR A 233 15.33 -0.53 -14.16
C THR A 233 14.14 -1.39 -14.61
N VAL A 234 13.19 -1.66 -13.72
CA VAL A 234 12.01 -2.43 -14.10
C VAL A 234 11.14 -1.65 -15.08
N VAL A 235 11.02 -0.34 -14.87
CA VAL A 235 10.27 0.50 -15.81
C VAL A 235 11.01 0.60 -17.14
N GLN A 236 12.32 0.76 -17.09
CA GLN A 236 13.13 0.94 -18.30
C GLN A 236 13.85 -0.34 -18.69
N ILE A 237 13.18 -1.48 -18.54
CA ILE A 237 13.75 -2.79 -18.87
C ILE A 237 14.05 -2.93 -20.35
N ARG A 238 13.36 -2.16 -21.20
CA ARG A 238 13.55 -2.26 -22.63
C ARG A 238 14.85 -1.64 -23.09
N VAL A 239 15.47 -0.79 -22.26
CA VAL A 239 16.75 -0.18 -22.58
C VAL A 239 17.89 -0.87 -21.86
N VAL A 240 17.65 -1.35 -20.64
CA VAL A 240 18.70 -2.02 -19.86
C VAL A 240 19.08 -3.34 -20.50
N MET A 241 18.09 -4.15 -20.85
CA MET A 241 18.37 -5.43 -21.47
C MET A 241 18.82 -5.26 -22.91
N ALA A 242 18.52 -4.12 -23.52
CA ALA A 242 18.99 -3.84 -24.88
C ALA A 242 20.50 -3.67 -24.90
N PHE A 243 21.04 -2.87 -24.00
CA PHE A 243 22.47 -2.69 -23.92
C PHE A 243 23.08 -3.79 -23.07
N VAL A 244 24.41 -3.75 -22.97
CA VAL A 244 25.14 -4.71 -22.16
C VAL A 244 24.91 -4.49 -20.68
N GLY A 245 24.53 -3.27 -20.30
CA GLY A 245 24.62 -2.82 -18.93
C GLY A 245 23.65 -3.38 -17.91
N GLU A 246 23.12 -4.59 -18.12
CA GLU A 246 22.33 -5.22 -17.07
C GLU A 246 23.17 -5.66 -15.87
N SER A 247 24.50 -5.71 -16.01
CA SER A 247 25.36 -5.95 -14.85
C SER A 247 25.68 -4.66 -14.12
N ARG A 248 25.93 -3.58 -14.85
CA ARG A 248 26.34 -2.34 -14.22
C ARG A 248 25.19 -1.60 -13.53
N ALA A 249 23.96 -2.06 -13.71
CA ALA A 249 22.85 -1.60 -12.88
C ALA A 249 22.54 -2.58 -11.77
N SER A 250 23.38 -3.59 -11.59
CA SER A 250 23.48 -4.32 -10.34
C SER A 250 24.65 -3.86 -9.50
N GLN A 251 25.62 -3.19 -10.13
CA GLN A 251 26.76 -2.66 -9.40
C GLN A 251 26.40 -1.45 -8.56
N ALA A 252 25.33 -0.75 -8.89
CA ALA A 252 24.85 0.32 -8.03
C ALA A 252 24.01 -0.24 -6.89
N TYR A 253 23.15 -1.22 -7.18
CA TYR A 253 22.26 -1.79 -6.18
C TYR A 253 23.01 -2.60 -5.13
N SER A 254 24.20 -3.09 -5.47
CA SER A 254 25.09 -3.56 -4.42
C SER A 254 25.57 -2.41 -3.55
N SER A 255 26.20 -1.41 -4.15
CA SER A 255 26.83 -0.35 -3.37
C SER A 255 25.84 0.63 -2.78
N ALA A 256 24.57 0.58 -3.16
CA ALA A 256 23.60 1.39 -2.45
C ALA A 256 23.00 0.65 -1.25
N LEU A 257 23.39 -0.60 -1.04
CA LEU A 257 23.03 -1.34 0.16
C LEU A 257 24.19 -1.51 1.12
N LYS A 258 25.42 -1.28 0.67
CA LYS A 258 26.54 -1.27 1.61
C LYS A 258 26.44 -0.08 2.57
N ILE A 259 25.76 0.99 2.17
CA ILE A 259 25.32 2.01 3.12
C ILE A 259 24.32 1.42 4.10
N ALA A 260 23.40 0.60 3.62
CA ALA A 260 22.33 0.07 4.44
C ALA A 260 22.74 -1.08 5.34
N GLN A 261 24.03 -1.35 5.49
CA GLN A 261 24.53 -2.18 6.57
C GLN A 261 25.16 -1.36 7.69
N LYS A 262 25.84 -0.26 7.35
CA LYS A 262 26.43 0.59 8.37
C LYS A 262 25.40 1.49 9.04
N LEU A 263 24.15 1.44 8.61
CA LEU A 263 23.03 1.88 9.43
C LEU A 263 22.25 0.70 9.99
N GLY A 264 22.80 -0.50 9.89
CA GLY A 264 22.16 -1.68 10.44
C GLY A 264 23.04 -2.38 11.45
N TYR A 265 24.36 -2.24 11.28
CA TYR A 265 25.28 -2.75 12.28
C TYR A 265 25.12 -2.02 13.61
N LYS A 266 24.91 -0.71 13.56
CA LYS A 266 24.74 0.04 14.80
C LYS A 266 23.36 -0.12 15.41
N THR A 267 22.44 -0.81 14.74
CA THR A 267 21.16 -1.09 15.36
C THR A 267 21.31 -2.18 16.43
N GLY A 268 22.18 -3.15 16.17
CA GLY A 268 22.43 -4.18 17.17
C GLY A 268 23.22 -3.67 18.35
N LEU A 269 24.24 -2.86 18.08
CA LEU A 269 25.11 -2.39 19.16
C LEU A 269 24.42 -1.35 20.02
N ALA A 270 23.35 -0.72 19.51
CA ALA A 270 22.57 0.18 20.33
C ALA A 270 21.40 -0.52 21.00
N LYS A 271 21.00 -1.68 20.48
CA LYS A 271 20.06 -2.50 21.22
C LYS A 271 20.78 -3.43 22.17
N GLY A 272 22.06 -3.72 21.89
CA GLY A 272 22.82 -4.58 22.77
C GLY A 272 23.12 -3.94 24.12
N MET A 273 23.58 -2.69 24.10
CA MET A 273 23.69 -1.94 25.34
C MET A 273 22.35 -1.43 25.83
N GLY A 274 21.36 -1.36 24.94
CA GLY A 274 20.06 -0.84 25.34
C GLY A 274 19.32 -1.77 26.27
N LEU A 275 19.60 -3.07 26.16
CA LEU A 275 19.11 -3.99 27.17
C LEU A 275 20.13 -4.16 28.29
N GLY A 276 21.40 -3.86 28.00
CA GLY A 276 22.44 -4.03 29.00
C GLY A 276 22.35 -3.04 30.14
N ALA A 277 21.86 -1.85 29.87
CA ALA A 277 21.67 -0.87 30.92
C ALA A 277 20.36 -1.03 31.67
N THR A 278 19.58 -2.07 31.36
CA THR A 278 18.49 -2.46 32.23
C THR A 278 18.91 -3.56 33.18
N TYR A 279 19.59 -4.59 32.68
CA TYR A 279 20.09 -5.65 33.54
C TYR A 279 21.36 -5.26 34.29
N PHE A 280 21.77 -4.00 34.26
CA PHE A 280 22.78 -3.56 35.20
C PHE A 280 22.15 -2.83 36.37
N VAL A 281 21.05 -2.12 36.14
CA VAL A 281 20.40 -1.37 37.20
C VAL A 281 19.53 -2.27 38.04
N VAL A 282 18.82 -3.21 37.41
CA VAL A 282 17.89 -4.09 38.11
C VAL A 282 18.64 -5.02 39.06
N PHE A 283 19.83 -5.48 38.67
CA PHE A 283 20.63 -6.23 39.61
C PHE A 283 21.25 -5.34 40.67
N CYS A 284 21.70 -4.15 40.31
CA CYS A 284 22.33 -3.26 41.28
C CYS A 284 21.33 -2.34 41.97
N CYS A 285 20.05 -2.71 41.98
CA CYS A 285 19.09 -2.13 42.89
C CYS A 285 18.35 -3.19 43.68
N TYR A 286 18.72 -4.46 43.53
CA TYR A 286 18.44 -5.49 44.50
C TYR A 286 19.67 -5.88 45.27
N ALA A 287 20.76 -5.14 45.10
CA ALA A 287 21.85 -5.25 46.04
C ALA A 287 21.58 -4.39 47.27
N LEU A 288 20.61 -3.49 47.16
CA LEU A 288 20.24 -2.58 48.23
C LEU A 288 18.94 -2.96 48.91
N LEU A 289 17.89 -3.20 48.13
CA LEU A 289 16.60 -3.52 48.70
C LEU A 289 16.58 -4.90 49.36
N LEU A 290 17.50 -5.78 49.01
CA LEU A 290 17.60 -7.05 49.70
C LEU A 290 18.73 -7.08 50.70
N TRP A 291 19.46 -5.98 50.88
CA TRP A 291 20.23 -5.83 52.10
C TRP A 291 19.41 -5.16 53.17
N TYR A 292 18.74 -4.07 52.80
CA TYR A 292 18.00 -3.27 53.74
C TYR A 292 16.76 -3.99 54.25
N GLY A 293 16.32 -5.03 53.54
CA GLY A 293 15.34 -5.93 54.12
C GLY A 293 15.93 -6.76 55.23
N GLY A 294 17.17 -7.21 55.07
CA GLY A 294 17.83 -7.96 56.13
C GLY A 294 18.22 -7.13 57.32
N TYR A 295 18.19 -5.80 57.19
CA TYR A 295 18.42 -4.95 58.35
C TYR A 295 17.15 -4.81 59.16
N LEU A 296 15.99 -5.00 58.55
CA LEU A 296 14.75 -4.74 59.26
C LEU A 296 14.31 -5.93 60.10
N VAL A 297 14.55 -7.16 59.63
CA VAL A 297 14.02 -8.32 60.32
C VAL A 297 14.74 -8.52 61.64
N ARG A 298 16.05 -8.29 61.66
CA ARG A 298 16.84 -8.41 62.89
C ARG A 298 16.87 -7.09 63.67
N HIS A 299 15.88 -6.23 63.47
CA HIS A 299 15.47 -5.25 64.46
C HIS A 299 13.96 -5.36 64.72
N HIS A 300 13.36 -6.46 64.28
CA HIS A 300 11.98 -6.86 64.58
C HIS A 300 10.96 -5.81 64.11
N LEU A 301 10.90 -5.61 62.80
CA LEU A 301 9.89 -4.73 62.23
C LEU A 301 9.14 -5.31 61.04
N THR A 302 9.62 -6.40 60.44
CA THR A 302 9.15 -6.80 59.12
C THR A 302 9.41 -8.29 58.95
N ASN A 303 8.43 -9.00 58.41
CA ASN A 303 8.54 -10.43 58.21
C ASN A 303 9.16 -10.71 56.84
N GLY A 304 9.10 -11.96 56.40
CA GLY A 304 9.74 -12.31 55.14
C GLY A 304 8.78 -12.25 53.98
N GLY A 305 7.49 -12.40 54.26
CA GLY A 305 6.52 -12.23 53.22
C GLY A 305 6.33 -10.76 52.91
N LEU A 306 6.28 -9.95 53.96
CA LEU A 306 6.02 -8.53 53.83
C LEU A 306 7.20 -7.73 53.30
N ALA A 307 8.34 -8.36 53.06
CA ALA A 307 9.49 -7.67 52.51
C ALA A 307 9.82 -8.07 51.08
N ILE A 308 9.06 -9.01 50.50
CA ILE A 308 9.17 -9.34 49.10
C ILE A 308 7.85 -8.91 48.45
N ALA A 309 6.80 -8.80 49.26
CA ALA A 309 5.57 -8.24 48.74
C ALA A 309 5.68 -6.73 48.57
N THR A 310 6.20 -6.03 49.59
CA THR A 310 6.37 -4.57 49.52
C THR A 310 7.35 -4.19 48.44
N MET A 311 8.34 -5.04 48.19
CA MET A 311 9.31 -4.76 47.13
C MET A 311 8.68 -4.87 45.76
N PHE A 312 7.81 -5.83 45.55
CA PHE A 312 7.18 -5.99 44.25
C PHE A 312 6.03 -5.03 44.05
N ALA A 313 5.22 -4.79 45.09
CA ALA A 313 4.01 -3.99 44.94
C ALA A 313 4.29 -2.53 44.68
N VAL A 314 5.51 -2.05 44.92
CA VAL A 314 5.90 -0.73 44.45
C VAL A 314 6.45 -0.83 43.04
N MET A 315 7.25 -1.86 42.74
CA MET A 315 7.74 -2.02 41.37
C MET A 315 6.70 -2.59 40.41
N ILE A 316 5.50 -2.91 40.87
CA ILE A 316 4.40 -3.10 39.93
C ILE A 316 3.71 -1.78 39.66
N GLY A 317 3.31 -1.08 40.72
CA GLY A 317 2.60 0.18 40.55
C GLY A 317 3.48 1.31 40.09
N GLY A 318 4.79 1.17 40.22
CA GLY A 318 5.68 2.22 39.75
C GLY A 318 5.84 2.18 38.24
N LEU A 319 5.93 0.98 37.68
CA LEU A 319 6.05 0.85 36.23
C LEU A 319 4.71 0.89 35.52
N ALA A 320 3.61 0.61 36.22
CA ALA A 320 2.30 0.66 35.60
C ALA A 320 1.87 2.07 35.26
N LEU A 321 2.50 3.08 35.87
CA LEU A 321 2.33 4.44 35.41
C LEU A 321 3.08 4.68 34.10
N GLY A 322 4.03 3.81 33.76
CA GLY A 322 4.82 4.02 32.56
C GLY A 322 4.05 3.76 31.28
N GLN A 323 3.10 2.83 31.32
CA GLN A 323 2.27 2.58 30.15
C GLN A 323 0.97 3.37 30.18
N SER A 324 0.87 4.35 31.07
CA SER A 324 -0.27 5.25 31.06
C SER A 324 -0.05 6.44 30.16
N ALA A 325 1.14 6.58 29.61
CA ALA A 325 1.43 7.59 28.60
C ALA A 325 1.00 7.22 27.18
N PRO A 326 1.21 5.99 26.65
CA PRO A 326 0.73 5.71 25.28
C PRO A 326 -0.78 5.73 25.15
N SER A 327 -1.51 5.34 26.18
CA SER A 327 -2.95 5.51 26.17
C SER A 327 -3.35 6.97 26.28
N MET A 328 -2.48 7.82 26.83
CA MET A 328 -2.77 9.25 26.84
C MET A 328 -2.48 9.89 25.50
N ALA A 329 -1.46 9.39 24.79
CA ALA A 329 -1.07 10.00 23.53
C ALA A 329 -2.11 9.80 22.43
N ALA A 330 -2.93 8.75 22.54
CA ALA A 330 -4.02 8.60 21.60
C ALA A 330 -5.26 9.38 22.02
N PHE A 331 -5.22 10.11 23.13
CA PHE A 331 -6.25 11.09 23.43
C PHE A 331 -5.89 12.46 22.91
N ALA A 332 -4.68 12.64 22.37
CA ALA A 332 -4.34 13.89 21.71
C ALA A 332 -4.70 13.84 20.23
N LYS A 333 -4.32 12.77 19.55
CA LYS A 333 -4.66 12.59 18.14
C LYS A 333 -6.13 12.32 17.91
N ALA A 334 -6.88 11.96 18.95
CA ALA A 334 -8.30 11.72 18.78
C ALA A 334 -9.06 13.03 18.64
N LYS A 335 -8.86 13.95 19.57
CA LYS A 335 -9.67 15.16 19.64
C LYS A 335 -9.40 16.12 18.49
N VAL A 336 -8.27 15.96 17.78
CA VAL A 336 -8.02 16.81 16.61
C VAL A 336 -8.41 16.12 15.31
N ALA A 337 -8.22 14.80 15.19
CA ALA A 337 -8.66 14.11 13.98
C ALA A 337 -10.16 13.87 13.97
N ALA A 338 -10.84 14.08 15.08
CA ALA A 338 -12.30 14.11 15.04
C ALA A 338 -12.80 15.47 14.60
N ALA A 339 -12.06 16.54 14.89
CA ALA A 339 -12.45 17.89 14.52
C ALA A 339 -12.52 18.12 13.02
N LYS A 340 -11.84 17.30 12.21
CA LYS A 340 -12.02 17.37 10.78
C LYS A 340 -13.31 16.70 10.34
N ILE A 341 -13.87 15.83 11.17
CA ILE A 341 -15.12 15.15 10.80
C ILE A 341 -16.33 16.00 11.21
N PHE A 342 -16.26 16.70 12.35
CA PHE A 342 -17.39 17.52 12.75
C PHE A 342 -17.50 18.81 11.95
N ARG A 343 -16.53 19.10 11.09
CA ARG A 343 -16.65 20.23 10.19
C ARG A 343 -17.72 19.97 9.14
N ILE A 344 -17.87 18.71 8.71
CA ILE A 344 -18.74 18.36 7.61
C ILE A 344 -20.10 17.91 8.10
N ILE A 345 -20.15 17.33 9.31
CA ILE A 345 -21.40 16.82 9.89
C ILE A 345 -22.42 17.92 10.04
N ASP A 346 -22.04 19.03 10.67
CA ASP A 346 -23.06 20.01 11.02
C ASP A 346 -23.39 20.92 9.83
N HIS A 347 -22.47 21.84 9.49
CA HIS A 347 -22.28 22.52 8.21
C HIS A 347 -23.53 22.88 7.42
N LYS A 348 -24.30 23.87 7.87
CA LYS A 348 -25.52 24.25 7.19
C LYS A 348 -25.26 24.62 5.73
N PRO A 349 -26.07 24.14 4.79
CA PRO A 349 -25.97 24.57 3.39
C PRO A 349 -26.76 25.86 3.19
N THR A 350 -26.80 26.30 1.93
CA THR A 350 -27.60 27.46 1.58
C THR A 350 -28.44 27.30 0.34
N ILE A 351 -28.22 26.28 -0.48
CA ILE A 351 -29.02 26.05 -1.68
C ILE A 351 -30.21 25.17 -1.31
N GLU A 352 -31.40 25.57 -1.78
CA GLU A 352 -32.65 24.96 -1.33
C GLU A 352 -32.95 23.72 -2.15
N ARG A 353 -32.36 22.60 -1.72
CA ARG A 353 -32.67 21.32 -2.35
C ARG A 353 -34.10 20.89 -1.99
N ASN A 354 -34.36 20.68 -0.70
CA ASN A 354 -35.71 20.44 -0.22
C ASN A 354 -36.40 21.78 -0.08
N SER A 355 -36.84 22.32 -1.21
CA SER A 355 -37.54 23.60 -1.26
C SER A 355 -39.02 23.32 -1.35
N GLU A 356 -39.62 22.98 -0.21
CA GLU A 356 -41.05 22.70 -0.16
C GLU A 356 -41.90 23.94 -0.34
N SER A 357 -41.31 25.13 -0.32
CA SER A 357 -41.97 26.34 -0.85
C SER A 357 -41.62 26.53 -2.33
N GLY A 358 -41.78 25.47 -3.12
CA GLY A 358 -41.55 25.51 -4.54
C GLY A 358 -42.85 25.36 -5.31
N VAL A 359 -42.71 25.29 -6.63
CA VAL A 359 -43.85 25.16 -7.53
C VAL A 359 -43.70 23.89 -8.34
N GLU A 360 -44.76 23.55 -9.07
CA GLU A 360 -44.84 22.32 -9.85
C GLU A 360 -45.47 22.61 -11.20
N LEU A 361 -45.22 21.73 -12.16
CA LEU A 361 -45.83 21.82 -13.47
C LEU A 361 -46.76 20.64 -13.70
N ASP A 362 -47.35 20.58 -14.87
CA ASP A 362 -48.23 19.49 -15.26
C ASP A 362 -47.82 18.86 -16.58
N SER A 363 -47.35 19.65 -17.54
CA SER A 363 -46.97 19.12 -18.85
C SER A 363 -45.83 19.97 -19.40
N VAL A 364 -44.62 19.41 -19.36
CA VAL A 364 -43.45 20.07 -19.92
C VAL A 364 -43.40 19.80 -21.42
N THR A 365 -42.56 20.55 -22.13
CA THR A 365 -42.34 20.29 -23.55
C THR A 365 -40.88 20.37 -23.95
N GLY A 366 -39.97 20.69 -23.05
CA GLY A 366 -38.58 20.86 -23.39
C GLY A 366 -38.19 22.25 -23.82
N LEU A 367 -39.06 23.24 -23.62
CA LEU A 367 -38.75 24.61 -23.99
C LEU A 367 -37.72 25.18 -23.03
N VAL A 368 -36.48 25.30 -23.51
CA VAL A 368 -35.36 25.80 -22.71
C VAL A 368 -34.79 27.01 -23.42
N GLU A 369 -34.72 28.14 -22.70
CA GLU A 369 -34.10 29.35 -23.20
C GLU A 369 -33.20 29.93 -22.12
N LEU A 370 -32.09 30.52 -22.53
CA LEU A 370 -31.20 31.24 -21.62
C LEU A 370 -30.99 32.63 -22.17
N LYS A 371 -31.14 33.64 -21.32
CA LYS A 371 -31.12 35.04 -21.74
C LYS A 371 -30.15 35.81 -20.86
N ASN A 372 -29.14 36.42 -21.50
CA ASN A 372 -28.20 37.37 -20.90
C ASN A 372 -27.44 36.76 -19.73
N VAL A 373 -27.07 35.48 -19.88
CA VAL A 373 -26.48 34.72 -18.79
C VAL A 373 -24.96 34.88 -18.82
N ASP A 374 -24.40 35.31 -17.70
CA ASP A 374 -22.96 35.43 -17.52
C ASP A 374 -22.54 34.56 -16.36
N PHE A 375 -21.57 33.67 -16.59
CA PHE A 375 -21.19 32.75 -15.54
C PHE A 375 -19.73 32.36 -15.66
N SER A 376 -19.08 32.27 -14.50
CA SER A 376 -17.79 31.61 -14.34
C SER A 376 -17.81 30.86 -13.02
N TYR A 377 -16.71 30.18 -12.73
CA TYR A 377 -16.63 29.38 -11.52
C TYR A 377 -16.42 30.29 -10.30
N PRO A 378 -16.95 29.90 -9.13
CA PRO A 378 -16.62 30.59 -7.88
C PRO A 378 -15.34 30.07 -7.22
N SER A 379 -14.30 29.90 -8.03
CA SER A 379 -12.99 29.50 -7.54
C SER A 379 -11.95 30.45 -8.11
N ARG A 380 -12.21 30.97 -9.31
CA ARG A 380 -11.40 32.00 -9.93
C ARG A 380 -12.35 33.14 -10.28
N PRO A 381 -12.73 33.98 -9.30
CA PRO A 381 -13.86 34.89 -9.50
C PRO A 381 -13.53 36.14 -10.31
N ASP A 382 -12.84 35.97 -11.42
CA ASP A 382 -12.56 37.05 -12.36
C ASP A 382 -12.73 36.66 -13.81
N VAL A 383 -12.85 35.38 -14.12
CA VAL A 383 -12.94 34.93 -15.50
C VAL A 383 -14.35 35.19 -16.02
N LYS A 384 -14.50 35.20 -17.35
CA LYS A 384 -15.77 35.46 -18.02
C LYS A 384 -16.04 34.30 -18.99
N ILE A 385 -16.08 33.08 -18.42
CA ILE A 385 -16.33 31.85 -19.18
C ILE A 385 -17.58 31.95 -20.03
N LEU A 386 -18.70 32.35 -19.42
CA LEU A 386 -19.91 32.65 -20.16
C LEU A 386 -20.11 34.16 -20.20
N ASN A 387 -20.30 34.69 -21.41
CA ASN A 387 -20.40 36.12 -21.63
C ASN A 387 -21.58 36.37 -22.56
N ASN A 388 -22.72 36.77 -21.98
CA ASN A 388 -23.99 37.03 -22.66
C ASN A 388 -24.43 35.81 -23.47
N PHE A 389 -24.49 34.68 -22.79
CA PHE A 389 -24.84 33.43 -23.45
C PHE A 389 -26.33 33.43 -23.79
N CYS A 390 -26.64 33.04 -25.03
CA CYS A 390 -28.01 33.06 -25.53
C CYS A 390 -28.23 31.82 -26.38
N LEU A 391 -28.95 30.84 -25.84
CA LEU A 391 -29.28 29.63 -26.56
C LEU A 391 -30.79 29.47 -26.58
N SER A 392 -31.34 29.21 -27.75
CA SER A 392 -32.77 28.99 -27.94
C SER A 392 -32.96 27.55 -28.39
N VAL A 393 -33.52 26.72 -27.51
CA VAL A 393 -33.74 25.31 -27.79
C VAL A 393 -35.24 25.11 -28.05
N PRO A 394 -35.64 24.80 -29.27
CA PRO A 394 -37.05 24.51 -29.53
C PRO A 394 -37.45 23.16 -28.95
N ALA A 395 -38.76 22.97 -28.85
CA ALA A 395 -39.30 21.77 -28.22
C ALA A 395 -39.13 20.57 -29.15
N GLY A 396 -38.40 19.56 -28.67
CA GLY A 396 -38.24 18.32 -29.40
C GLY A 396 -37.41 18.44 -30.66
N LYS A 397 -36.12 18.75 -30.52
CA LYS A 397 -35.24 18.88 -31.67
C LYS A 397 -33.94 18.12 -31.44
N THR A 398 -33.00 18.29 -32.36
CA THR A 398 -31.62 17.81 -32.21
C THR A 398 -30.75 19.05 -32.37
N ILE A 399 -30.56 19.77 -31.28
CA ILE A 399 -29.72 20.96 -31.28
C ILE A 399 -28.35 20.58 -30.73
N ALA A 400 -27.31 21.11 -31.37
CA ALA A 400 -25.94 20.73 -31.03
C ALA A 400 -25.10 21.97 -30.76
N LEU A 401 -24.40 21.95 -29.64
CA LEU A 401 -23.47 23.01 -29.28
C LEU A 401 -22.06 22.52 -29.62
N VAL A 402 -21.57 22.90 -30.80
CA VAL A 402 -20.22 22.60 -31.20
C VAL A 402 -19.48 23.92 -31.35
N GLY A 403 -18.61 24.21 -30.39
CA GLY A 403 -17.82 25.41 -30.43
C GLY A 403 -16.35 25.09 -30.32
N SER A 404 -15.53 26.11 -30.07
CA SER A 404 -14.10 25.88 -29.87
C SER A 404 -13.87 25.16 -28.55
N SER A 405 -12.80 24.35 -28.53
CA SER A 405 -12.46 23.61 -27.32
C SER A 405 -11.90 24.55 -26.26
N GLY A 406 -12.10 24.18 -25.00
CA GLY A 406 -11.70 25.05 -23.92
C GLY A 406 -12.58 26.26 -23.70
N SER A 407 -13.80 26.22 -24.20
CA SER A 407 -14.76 27.31 -24.06
C SER A 407 -15.95 26.88 -23.22
N GLY A 408 -15.67 26.18 -22.11
CA GLY A 408 -16.72 25.63 -21.30
C GLY A 408 -17.01 24.20 -21.66
N LYS A 409 -18.04 24.00 -22.50
CA LYS A 409 -18.45 22.77 -23.19
C LYS A 409 -18.77 21.58 -22.27
N SER A 410 -18.72 21.79 -20.96
CA SER A 410 -19.45 21.00 -19.98
C SER A 410 -20.11 21.84 -18.92
N THR A 411 -19.61 23.06 -18.68
CA THR A 411 -20.25 24.01 -17.78
C THR A 411 -21.60 24.42 -18.33
N VAL A 412 -21.75 24.43 -19.65
CA VAL A 412 -23.04 24.72 -20.27
C VAL A 412 -24.04 23.62 -19.96
N VAL A 413 -23.56 22.37 -19.89
CA VAL A 413 -24.41 21.28 -19.44
C VAL A 413 -24.66 21.40 -17.95
N SER A 414 -23.68 21.89 -17.20
CA SER A 414 -23.76 21.96 -15.75
C SER A 414 -24.61 23.12 -15.24
N LEU A 415 -25.40 23.76 -16.08
CA LEU A 415 -26.38 24.75 -15.65
C LEU A 415 -27.81 24.36 -15.92
N ILE A 416 -28.06 23.52 -16.93
CA ILE A 416 -29.42 23.10 -17.20
C ILE A 416 -29.85 22.06 -16.17
N GLU A 417 -28.89 21.31 -15.63
CA GLU A 417 -29.13 20.44 -14.49
C GLU A 417 -29.34 21.23 -13.20
N ARG A 418 -28.97 22.52 -13.22
CA ARG A 418 -28.80 23.38 -12.05
C ARG A 418 -27.88 22.72 -11.03
N PHE A 419 -26.63 22.52 -11.43
CA PHE A 419 -25.59 22.31 -10.44
C PHE A 419 -25.33 23.59 -9.68
N TYR A 420 -24.87 24.62 -10.37
CA TYR A 420 -24.60 25.93 -9.79
C TYR A 420 -25.84 26.81 -9.95
N ASP A 421 -25.67 28.10 -9.69
CA ASP A 421 -26.66 29.12 -10.02
C ASP A 421 -25.98 30.21 -10.82
N PRO A 422 -26.67 30.81 -11.79
CA PRO A 422 -26.04 31.84 -12.63
C PRO A 422 -25.83 33.13 -11.87
N ASN A 423 -24.81 33.88 -12.30
CA ASN A 423 -24.52 35.16 -11.68
C ASN A 423 -25.60 36.18 -12.01
N SER A 424 -26.05 36.21 -13.26
CA SER A 424 -27.06 37.15 -13.71
C SER A 424 -27.73 36.59 -14.95
N GLY A 425 -29.05 36.47 -14.91
CA GLY A 425 -29.79 35.92 -16.03
C GLY A 425 -30.71 34.79 -15.63
N GLN A 426 -31.92 34.77 -16.20
CA GLN A 426 -32.93 33.78 -15.85
C GLN A 426 -32.86 32.63 -16.84
N VAL A 427 -32.71 31.41 -16.31
CA VAL A 427 -32.72 30.21 -17.13
C VAL A 427 -34.16 29.75 -17.26
N LEU A 428 -34.73 29.90 -18.47
CA LEU A 428 -36.13 29.63 -18.70
C LEU A 428 -36.36 28.14 -18.91
N LEU A 429 -37.39 27.62 -18.27
CA LEU A 429 -37.92 26.29 -18.56
C LEU A 429 -39.43 26.41 -18.61
N ASP A 430 -39.98 26.33 -19.84
CA ASP A 430 -41.36 26.72 -20.15
C ASP A 430 -41.67 28.12 -19.64
N GLY A 431 -40.70 29.03 -19.82
CA GLY A 431 -40.83 30.37 -19.32
C GLY A 431 -40.70 30.52 -17.82
N GLN A 432 -40.08 29.55 -17.14
CA GLN A 432 -39.95 29.58 -15.70
C GLN A 432 -38.50 29.42 -15.29
N ASP A 433 -38.15 30.09 -14.20
CA ASP A 433 -36.78 30.12 -13.70
C ASP A 433 -36.45 28.82 -12.97
N LEU A 434 -35.14 28.52 -12.92
CA LEU A 434 -34.66 27.41 -12.10
C LEU A 434 -34.82 27.67 -10.62
N LYS A 435 -34.94 28.94 -10.21
CA LYS A 435 -35.13 29.29 -8.82
C LYS A 435 -36.59 29.25 -8.39
N THR A 436 -37.44 28.55 -9.14
CA THR A 436 -38.86 28.42 -8.86
C THR A 436 -39.26 26.99 -8.52
N LEU A 437 -38.87 26.03 -9.34
CA LEU A 437 -39.28 24.65 -9.15
C LEU A 437 -38.52 23.98 -8.01
N LYS A 438 -38.88 22.73 -7.73
CA LYS A 438 -38.21 21.94 -6.72
C LYS A 438 -37.13 21.09 -7.37
N LEU A 439 -35.91 21.19 -6.84
CA LEU A 439 -34.76 20.50 -7.42
C LEU A 439 -34.91 18.99 -7.34
N ARG A 440 -35.55 18.50 -6.27
CA ARG A 440 -35.87 17.09 -6.13
C ARG A 440 -36.80 16.60 -7.23
N TRP A 441 -37.67 17.49 -7.72
CA TRP A 441 -38.55 17.18 -8.83
C TRP A 441 -37.97 17.59 -10.18
N LEU A 442 -37.17 18.66 -10.21
CA LEU A 442 -36.65 19.18 -11.47
C LEU A 442 -35.65 18.23 -12.10
N ARG A 443 -34.80 17.60 -11.29
CA ARG A 443 -33.79 16.71 -11.84
C ARG A 443 -34.36 15.41 -12.37
N GLN A 444 -35.63 15.12 -12.12
CA GLN A 444 -36.24 13.88 -12.58
C GLN A 444 -36.49 13.90 -14.09
N GLN A 445 -36.72 15.07 -14.67
CA GLN A 445 -37.04 15.13 -16.09
C GLN A 445 -35.82 15.13 -17.00
N ILE A 446 -34.62 15.30 -16.46
CA ILE A 446 -33.44 15.54 -17.28
C ILE A 446 -32.50 14.34 -17.18
N GLY A 447 -32.28 13.69 -18.32
CA GLY A 447 -31.31 12.61 -18.41
C GLY A 447 -29.94 13.13 -18.79
N LEU A 448 -28.91 12.39 -18.37
CA LEU A 448 -27.56 12.92 -18.46
C LEU A 448 -26.56 11.79 -18.58
N VAL A 449 -25.68 11.89 -19.58
CA VAL A 449 -24.56 10.97 -19.75
C VAL A 449 -23.30 11.79 -19.96
N SER A 450 -22.35 11.67 -19.04
CA SER A 450 -21.09 12.38 -19.17
C SER A 450 -20.15 11.62 -20.09
N GLN A 451 -18.91 12.08 -20.19
CA GLN A 451 -17.90 11.37 -20.95
C GLN A 451 -17.56 10.04 -20.30
N GLU A 452 -17.16 10.08 -19.05
CA GLU A 452 -16.89 8.85 -18.32
C GLU A 452 -18.07 8.53 -17.42
N PRO A 453 -18.62 7.33 -17.50
CA PRO A 453 -19.80 6.99 -16.69
C PRO A 453 -19.43 6.67 -15.25
N ALA A 454 -20.41 6.27 -14.46
CA ALA A 454 -20.17 5.94 -13.06
C ALA A 454 -20.93 4.68 -12.71
N LEU A 455 -20.20 3.63 -12.33
CA LEU A 455 -20.80 2.40 -11.80
C LEU A 455 -20.15 2.05 -10.49
N PHE A 456 -20.97 1.71 -9.50
CA PHE A 456 -20.54 1.50 -8.13
C PHE A 456 -20.39 0.01 -7.84
N ALA A 457 -19.75 -0.30 -6.71
CA ALA A 457 -19.43 -1.68 -6.35
C ALA A 457 -20.69 -2.39 -5.85
N THR A 458 -21.57 -2.71 -6.79
CA THR A 458 -22.85 -3.39 -6.50
C THR A 458 -23.08 -4.43 -7.58
N SER A 459 -24.32 -4.91 -7.67
CA SER A 459 -24.73 -5.82 -8.73
C SER A 459 -25.17 -5.01 -9.95
N ILE A 460 -25.79 -5.67 -10.93
CA ILE A 460 -26.16 -4.97 -12.15
C ILE A 460 -27.49 -4.25 -11.98
N LYS A 461 -28.49 -4.95 -11.44
CA LYS A 461 -29.82 -4.37 -11.25
C LYS A 461 -29.79 -3.17 -10.32
N GLU A 462 -28.91 -3.19 -9.33
CA GLU A 462 -28.77 -2.05 -8.41
C GLU A 462 -28.19 -0.85 -9.14
N ASN A 463 -27.22 -1.06 -10.03
CA ASN A 463 -26.68 0.02 -10.85
C ASN A 463 -27.62 0.46 -11.96
N ILE A 464 -28.74 -0.23 -12.16
CA ILE A 464 -29.79 0.24 -13.06
C ILE A 464 -30.90 0.94 -12.29
N LEU A 465 -31.23 0.44 -11.10
CA LEU A 465 -32.29 1.03 -10.29
C LEU A 465 -31.90 2.32 -9.60
N LEU A 466 -30.69 2.84 -9.82
CA LEU A 466 -30.35 4.15 -9.26
C LEU A 466 -31.10 5.27 -9.95
N GLY A 467 -31.58 5.05 -11.16
CA GLY A 467 -32.44 6.03 -11.81
C GLY A 467 -33.79 6.11 -11.12
N ARG A 468 -34.53 5.01 -11.16
CA ARG A 468 -35.85 4.95 -10.56
C ARG A 468 -35.95 3.71 -9.67
N PRO A 469 -36.41 3.85 -8.43
CA PRO A 469 -36.37 2.72 -7.49
C PRO A 469 -37.39 1.63 -7.78
N ASP A 470 -38.64 2.02 -8.03
CA ASP A 470 -39.77 1.10 -7.90
C ASP A 470 -40.24 0.51 -9.22
N ALA A 471 -39.31 0.22 -10.13
CA ALA A 471 -39.66 -0.54 -11.33
C ALA A 471 -39.43 -2.02 -11.08
N ASP A 472 -40.11 -2.85 -11.87
CA ASP A 472 -40.03 -4.29 -11.72
C ASP A 472 -38.89 -4.84 -12.58
N GLN A 473 -38.81 -6.16 -12.70
CA GLN A 473 -37.81 -6.78 -13.54
C GLN A 473 -38.17 -6.68 -15.02
N VAL A 474 -39.46 -6.57 -15.32
CA VAL A 474 -39.94 -6.59 -16.70
C VAL A 474 -39.49 -5.35 -17.46
N GLU A 475 -39.62 -4.18 -16.83
CA GLU A 475 -39.26 -2.92 -17.48
C GLU A 475 -37.75 -2.78 -17.65
N ILE A 476 -36.97 -3.44 -16.81
CA ILE A 476 -35.52 -3.37 -16.90
C ILE A 476 -35.01 -4.13 -18.12
N GLU A 477 -35.55 -5.34 -18.33
CA GLU A 477 -34.96 -6.26 -19.29
C GLU A 477 -35.15 -5.82 -20.74
N GLU A 478 -36.30 -5.21 -21.05
CA GLU A 478 -36.50 -4.73 -22.41
C GLU A 478 -35.70 -3.46 -22.66
N ALA A 479 -35.53 -2.64 -21.63
CA ALA A 479 -34.84 -1.36 -21.78
C ALA A 479 -33.36 -1.54 -22.07
N ALA A 480 -32.71 -2.48 -21.39
CA ALA A 480 -31.32 -2.80 -21.69
C ALA A 480 -31.19 -3.48 -23.05
N ARG A 481 -32.23 -4.14 -23.52
CA ARG A 481 -32.22 -4.70 -24.86
C ARG A 481 -32.32 -3.59 -25.91
N VAL A 482 -33.07 -2.53 -25.61
CA VAL A 482 -33.07 -1.34 -26.46
C VAL A 482 -31.69 -0.71 -26.47
N ALA A 483 -31.03 -0.67 -25.32
CA ALA A 483 -29.66 -0.20 -25.21
C ALA A 483 -28.64 -1.24 -25.68
N ASN A 484 -29.10 -2.41 -26.13
CA ASN A 484 -28.26 -3.52 -26.59
C ASN A 484 -27.28 -3.97 -25.52
N ALA A 485 -27.79 -4.14 -24.30
CA ALA A 485 -27.00 -4.68 -23.21
C ALA A 485 -27.49 -6.04 -22.75
N HIS A 486 -28.76 -6.38 -23.00
CA HIS A 486 -29.38 -7.59 -22.49
C HIS A 486 -28.75 -8.87 -23.05
N SER A 487 -28.06 -8.77 -24.18
CA SER A 487 -27.42 -9.93 -24.79
C SER A 487 -26.31 -10.49 -23.90
N PHE A 488 -25.29 -9.67 -23.63
CA PHE A 488 -24.13 -10.19 -22.91
C PHE A 488 -24.36 -10.29 -21.40
N ILE A 489 -25.48 -9.78 -20.89
CA ILE A 489 -25.82 -9.99 -19.48
C ILE A 489 -26.20 -11.46 -19.26
N ILE A 490 -26.91 -12.06 -20.22
CA ILE A 490 -27.21 -13.48 -20.14
C ILE A 490 -25.94 -14.30 -20.30
N LYS A 491 -24.98 -13.81 -21.10
CA LYS A 491 -23.70 -14.46 -21.25
C LYS A 491 -22.83 -14.39 -19.99
N LEU A 492 -23.11 -13.44 -19.10
CA LEU A 492 -22.46 -13.44 -17.80
C LEU A 492 -22.97 -14.62 -16.97
N PRO A 493 -22.12 -15.15 -16.08
CA PRO A 493 -22.54 -16.34 -15.32
C PRO A 493 -23.62 -16.07 -14.31
N ASP A 494 -23.58 -14.93 -13.63
CA ASP A 494 -24.49 -14.64 -12.53
C ASP A 494 -25.70 -13.82 -12.96
N GLY A 495 -25.79 -13.46 -14.24
CA GLY A 495 -26.94 -12.69 -14.69
C GLY A 495 -26.91 -11.27 -14.17
N PHE A 496 -28.09 -10.75 -13.83
CA PHE A 496 -28.21 -9.41 -13.27
C PHE A 496 -27.72 -9.30 -11.83
N ASP A 497 -27.31 -10.41 -11.21
CA ASP A 497 -26.72 -10.39 -9.88
C ASP A 497 -25.21 -10.47 -9.93
N THR A 498 -24.61 -10.20 -11.09
CA THR A 498 -23.16 -10.17 -11.21
C THR A 498 -22.61 -8.97 -10.47
N GLN A 499 -21.73 -9.22 -9.50
CA GLN A 499 -21.18 -8.14 -8.67
C GLN A 499 -20.20 -7.29 -9.45
N VAL A 500 -20.69 -6.19 -10.02
CA VAL A 500 -19.84 -5.25 -10.74
C VAL A 500 -18.97 -4.50 -9.76
N GLY A 501 -17.67 -4.45 -10.04
CA GLY A 501 -16.75 -3.78 -9.14
C GLY A 501 -15.37 -4.38 -9.18
N GLU A 502 -14.87 -4.79 -8.02
CA GLU A 502 -13.58 -5.48 -7.99
C GLU A 502 -13.68 -6.84 -8.66
N ARG A 503 -14.79 -7.55 -8.45
CA ARG A 503 -15.11 -8.72 -9.23
C ARG A 503 -16.08 -8.33 -10.34
N GLY A 504 -16.64 -9.31 -11.02
CA GLY A 504 -17.51 -9.06 -12.15
C GLY A 504 -16.83 -9.10 -13.50
N LEU A 505 -15.64 -9.71 -13.58
CA LEU A 505 -14.86 -10.00 -14.80
C LEU A 505 -14.55 -8.77 -15.66
N GLN A 506 -14.64 -7.57 -15.06
CA GLN A 506 -14.01 -6.33 -15.55
C GLN A 506 -14.51 -5.94 -16.94
N LEU A 507 -15.78 -5.55 -16.99
CA LEU A 507 -16.47 -5.25 -18.23
C LEU A 507 -15.81 -4.07 -18.96
N SER A 508 -15.94 -4.08 -20.29
CA SER A 508 -15.24 -3.12 -21.14
C SER A 508 -15.93 -1.78 -21.13
N GLY A 509 -15.27 -0.79 -21.74
CA GLY A 509 -15.75 0.58 -21.70
C GLY A 509 -17.06 0.79 -22.43
N GLY A 510 -17.28 0.08 -23.53
CA GLY A 510 -18.59 0.13 -24.18
C GLY A 510 -19.64 -0.59 -23.36
N GLN A 511 -19.24 -1.66 -22.67
CA GLN A 511 -20.16 -2.35 -21.77
C GLN A 511 -20.47 -1.52 -20.53
N LYS A 512 -19.49 -0.74 -20.05
CA LYS A 512 -19.78 0.24 -19.01
C LYS A 512 -20.68 1.35 -19.53
N GLN A 513 -20.57 1.65 -20.83
CA GLN A 513 -21.31 2.77 -21.40
C GLN A 513 -22.80 2.43 -21.52
N ARG A 514 -23.12 1.26 -22.08
CA ARG A 514 -24.49 0.92 -22.41
C ARG A 514 -25.36 0.71 -21.18
N ILE A 515 -24.76 0.33 -20.04
CA ILE A 515 -25.52 0.24 -18.80
C ILE A 515 -25.98 1.62 -18.37
N ALA A 516 -25.07 2.61 -18.43
CA ALA A 516 -25.42 3.99 -18.10
C ALA A 516 -26.40 4.57 -19.12
N ILE A 517 -26.33 4.11 -20.37
CA ILE A 517 -27.35 4.46 -21.35
C ILE A 517 -28.69 3.85 -20.95
N ALA A 518 -28.66 2.61 -20.48
CA ALA A 518 -29.87 1.98 -19.96
C ALA A 518 -30.30 2.61 -18.65
N ARG A 519 -29.36 3.21 -17.92
CA ARG A 519 -29.69 3.82 -16.63
C ARG A 519 -30.52 5.09 -16.81
N ALA A 520 -30.41 5.73 -17.96
CA ALA A 520 -31.27 6.85 -18.29
C ALA A 520 -32.57 6.42 -18.94
N MET A 521 -32.55 5.29 -19.66
CA MET A 521 -33.77 4.81 -20.33
C MET A 521 -34.84 4.39 -19.34
N LEU A 522 -34.43 3.89 -18.18
CA LEU A 522 -35.39 3.52 -17.15
C LEU A 522 -36.07 4.74 -16.53
N LYS A 523 -35.38 5.88 -16.55
CA LYS A 523 -35.88 7.08 -15.88
C LYS A 523 -37.00 7.75 -16.66
N ASN A 524 -37.06 7.52 -17.98
CA ASN A 524 -37.95 8.17 -18.95
C ASN A 524 -37.86 9.69 -18.84
N PRO A 525 -36.77 10.30 -19.29
CA PRO A 525 -36.61 11.75 -19.13
C PRO A 525 -37.41 12.50 -20.18
N ALA A 526 -37.60 13.79 -19.92
CA ALA A 526 -38.23 14.68 -20.88
C ALA A 526 -37.23 15.53 -21.63
N ILE A 527 -36.10 15.85 -21.00
CA ILE A 527 -35.03 16.61 -21.62
C ILE A 527 -33.78 15.76 -21.57
N LEU A 528 -33.02 15.75 -22.65
CA LEU A 528 -31.82 14.94 -22.75
C LEU A 528 -30.59 15.83 -22.84
N LEU A 529 -29.56 15.49 -22.09
CA LEU A 529 -28.27 16.16 -22.14
C LEU A 529 -27.19 15.11 -22.34
N LEU A 530 -26.40 15.27 -23.39
CA LEU A 530 -25.35 14.32 -23.74
C LEU A 530 -24.07 15.07 -24.04
N ASP A 531 -23.01 14.74 -23.32
CA ASP A 531 -21.71 15.42 -23.48
C ASP A 531 -20.66 14.35 -23.75
N GLN A 532 -20.30 14.22 -25.03
CA GLN A 532 -19.20 13.37 -25.52
C GLN A 532 -19.44 11.90 -25.14
N ALA A 533 -20.51 11.35 -25.73
CA ALA A 533 -20.91 9.99 -25.45
C ALA A 533 -19.90 8.98 -25.96
N THR A 534 -19.65 8.98 -27.28
CA THR A 534 -18.74 8.03 -27.91
C THR A 534 -17.35 8.60 -28.11
N SER A 535 -16.92 9.50 -27.23
CA SER A 535 -15.60 10.11 -27.40
C SER A 535 -14.47 9.16 -27.03
N ALA A 536 -14.76 8.10 -26.28
CA ALA A 536 -13.74 7.15 -25.84
C ALA A 536 -14.20 5.72 -26.08
N LEU A 537 -14.72 5.46 -27.28
CA LEU A 537 -15.22 4.15 -27.65
C LEU A 537 -14.65 3.72 -28.99
N ASP A 538 -14.46 2.42 -29.16
CA ASP A 538 -13.98 1.90 -30.43
C ASP A 538 -15.06 1.98 -31.49
N SER A 539 -14.65 1.78 -32.75
CA SER A 539 -15.55 1.92 -33.89
C SER A 539 -16.62 0.84 -33.93
N GLU A 540 -16.42 -0.27 -33.21
CA GLU A 540 -17.48 -1.26 -33.09
C GLU A 540 -18.61 -0.77 -32.20
N SER A 541 -18.28 -0.40 -30.96
CA SER A 541 -19.33 -0.10 -29.98
C SER A 541 -19.94 1.27 -30.19
N GLU A 542 -19.21 2.23 -30.79
CA GLU A 542 -19.80 3.55 -31.02
C GLU A 542 -20.87 3.51 -32.09
N LYS A 543 -20.82 2.52 -32.99
CA LYS A 543 -21.96 2.24 -33.84
C LYS A 543 -23.12 1.67 -33.02
N LEU A 544 -22.81 0.78 -32.08
CA LEU A 544 -23.83 0.15 -31.24
C LEU A 544 -24.50 1.16 -30.31
N VAL A 545 -23.75 2.17 -29.86
CA VAL A 545 -24.33 3.22 -29.02
C VAL A 545 -25.30 4.06 -29.83
N GLN A 546 -24.92 4.43 -31.05
CA GLN A 546 -25.77 5.26 -31.90
C GLN A 546 -27.02 4.50 -32.35
N GLU A 547 -26.93 3.17 -32.43
CA GLU A 547 -28.12 2.35 -32.61
C GLU A 547 -29.07 2.48 -31.43
N ALA A 548 -28.53 2.69 -30.23
CA ALA A 548 -29.36 2.90 -29.05
C ALA A 548 -29.73 4.36 -28.86
N LEU A 549 -28.88 5.29 -29.30
CA LEU A 549 -29.21 6.71 -29.16
C LEU A 549 -30.36 7.10 -30.07
N ASP A 550 -30.36 6.60 -31.31
CA ASP A 550 -31.41 6.93 -32.26
C ASP A 550 -32.76 6.38 -31.84
N ARG A 551 -32.75 5.24 -31.13
CA ARG A 551 -33.97 4.76 -30.49
C ARG A 551 -34.39 5.67 -29.35
N PHE A 552 -33.43 6.28 -28.68
CA PHE A 552 -33.70 7.08 -27.49
C PHE A 552 -33.93 8.55 -27.82
N MET A 553 -33.53 9.01 -29.00
CA MET A 553 -33.73 10.38 -29.42
C MET A 553 -35.04 10.60 -30.15
N ILE A 554 -36.05 9.77 -29.88
CA ILE A 554 -37.34 9.86 -30.56
C ILE A 554 -38.26 10.74 -29.75
N GLY A 555 -38.67 11.87 -30.34
CA GLY A 555 -39.65 12.75 -29.72
C GLY A 555 -39.20 13.42 -28.44
N ARG A 556 -37.90 13.69 -28.30
CA ARG A 556 -37.36 14.27 -27.09
C ARG A 556 -36.52 15.49 -27.43
N THR A 557 -36.59 16.48 -26.54
CA THR A 557 -35.68 17.62 -26.62
C THR A 557 -34.27 17.15 -26.31
N THR A 558 -33.36 17.32 -27.26
CA THR A 558 -32.06 16.68 -27.22
C THR A 558 -30.96 17.69 -27.49
N LEU A 559 -29.97 17.71 -26.61
CA LEU A 559 -28.82 18.62 -26.73
C LEU A 559 -27.54 17.80 -26.66
N ILE A 560 -26.86 17.67 -27.79
CA ILE A 560 -25.71 16.79 -27.92
C ILE A 560 -24.48 17.62 -28.27
N ILE A 561 -23.46 17.56 -27.42
CA ILE A 561 -22.11 17.92 -27.80
C ILE A 561 -21.45 16.65 -28.30
N ALA A 562 -21.09 16.62 -29.58
CA ALA A 562 -20.74 15.39 -30.26
C ALA A 562 -19.24 15.30 -30.49
N HIS A 563 -18.83 14.26 -31.19
CA HIS A 563 -17.44 13.97 -31.47
C HIS A 563 -17.16 13.67 -32.93
N ARG A 564 -18.14 13.19 -33.69
CA ARG A 564 -17.97 12.80 -35.07
C ARG A 564 -19.02 13.47 -35.95
N LEU A 565 -18.84 13.35 -37.26
CA LEU A 565 -19.69 14.03 -38.22
C LEU A 565 -21.04 13.34 -38.39
N SER A 566 -21.15 12.08 -37.97
CA SER A 566 -22.40 11.33 -38.12
C SER A 566 -23.52 11.95 -37.29
N THR A 567 -23.20 12.40 -36.08
CA THR A 567 -24.17 13.16 -35.30
C THR A 567 -24.37 14.55 -35.90
N ILE A 568 -23.31 15.12 -36.45
CA ILE A 568 -23.37 16.45 -37.06
C ILE A 568 -24.25 16.42 -38.31
N ARG A 569 -24.14 15.33 -39.09
CA ARG A 569 -25.02 15.18 -40.25
C ARG A 569 -26.46 14.94 -39.82
N LYS A 570 -26.66 14.22 -38.72
CA LYS A 570 -28.00 14.01 -38.17
C LYS A 570 -28.46 15.16 -37.29
N ALA A 571 -27.63 16.19 -37.09
CA ALA A 571 -28.02 17.32 -36.27
C ALA A 571 -29.01 18.21 -37.00
N ASP A 572 -30.01 18.70 -36.27
CA ASP A 572 -31.00 19.59 -36.87
C ASP A 572 -30.50 21.03 -36.89
N LEU A 573 -30.19 21.59 -35.72
CA LEU A 573 -29.72 22.96 -35.59
C LEU A 573 -28.34 22.94 -34.92
N VAL A 574 -27.43 23.74 -35.45
CA VAL A 574 -26.06 23.79 -34.96
C VAL A 574 -25.78 25.21 -34.47
N ALA A 575 -25.26 25.33 -33.25
CA ALA A 575 -24.80 26.59 -32.71
C ALA A 575 -23.29 26.53 -32.49
N VAL A 576 -22.61 27.63 -32.75
CA VAL A 576 -21.16 27.70 -32.70
C VAL A 576 -20.76 28.71 -31.64
N LEU A 577 -19.96 28.26 -30.67
CA LEU A 577 -19.42 29.15 -29.65
C LEU A 577 -18.22 29.92 -30.19
N GLN A 578 -17.91 31.02 -29.53
CA GLN A 578 -16.70 31.78 -29.82
C GLN A 578 -16.31 32.52 -28.55
N GLN A 579 -15.33 31.98 -27.82
CA GLN A 579 -14.66 32.64 -26.69
C GLN A 579 -15.63 32.99 -25.57
N GLY A 580 -16.66 32.16 -25.39
CA GLY A 580 -17.70 32.48 -24.43
C GLY A 580 -18.83 33.29 -25.01
N SER A 581 -19.10 33.14 -26.30
CA SER A 581 -20.16 33.89 -26.96
C SER A 581 -20.63 33.10 -28.17
N VAL A 582 -21.94 33.08 -28.39
CA VAL A 582 -22.51 32.36 -29.52
C VAL A 582 -22.26 33.15 -30.79
N SER A 583 -21.58 32.52 -31.75
CA SER A 583 -21.19 33.19 -32.99
C SER A 583 -22.13 32.87 -34.14
N GLU A 584 -22.27 31.59 -34.49
CA GLU A 584 -23.03 31.18 -35.64
C GLU A 584 -24.22 30.32 -35.21
N ILE A 585 -25.39 30.66 -35.74
CA ILE A 585 -26.62 29.93 -35.49
C ILE A 585 -27.19 29.54 -36.85
N GLY A 586 -27.10 28.27 -37.19
CA GLY A 586 -27.61 27.79 -38.45
C GLY A 586 -27.91 26.32 -38.41
N THR A 587 -28.00 25.73 -39.59
CA THR A 587 -28.25 24.30 -39.73
C THR A 587 -26.97 23.61 -40.18
N HIS A 588 -27.09 22.30 -40.43
CA HIS A 588 -25.96 21.52 -40.92
C HIS A 588 -25.57 21.93 -42.34
N ASP A 589 -26.55 22.27 -43.16
CA ASP A 589 -26.30 22.56 -44.57
C ASP A 589 -25.99 24.03 -44.81
N GLU A 590 -26.60 24.93 -44.05
CA GLU A 590 -26.34 26.36 -44.23
C GLU A 590 -24.93 26.73 -43.82
N LEU A 591 -24.44 26.13 -42.72
CA LEU A 591 -23.07 26.38 -42.29
C LEU A 591 -22.07 25.67 -43.21
N PHE A 592 -22.49 24.57 -43.83
CA PHE A 592 -21.64 23.88 -44.79
C PHE A 592 -21.59 24.61 -46.13
N SER A 593 -22.67 25.30 -46.50
CA SER A 593 -22.72 26.03 -47.76
C SER A 593 -21.87 27.29 -47.73
N LYS A 594 -21.53 27.80 -46.55
CA LYS A 594 -20.71 29.00 -46.44
C LYS A 594 -19.25 28.76 -46.81
N GLY A 595 -18.82 27.49 -46.88
CA GLY A 595 -17.45 27.19 -47.22
C GLY A 595 -16.50 27.52 -46.07
N GLU A 596 -15.36 28.06 -46.44
CA GLU A 596 -14.37 28.49 -45.45
C GLU A 596 -14.57 29.94 -45.00
N ASN A 597 -15.66 30.58 -45.44
CA ASN A 597 -15.94 31.95 -45.01
C ASN A 597 -16.36 31.99 -43.55
N GLY A 598 -17.13 30.99 -43.11
CA GLY A 598 -17.54 30.92 -41.73
C GLY A 598 -16.53 30.21 -40.86
N VAL A 599 -16.95 29.93 -39.63
CA VAL A 599 -16.11 29.21 -38.67
C VAL A 599 -16.33 27.70 -38.79
N TYR A 600 -17.32 27.28 -39.57
CA TYR A 600 -17.67 25.87 -39.69
C TYR A 600 -16.57 25.05 -40.35
N ALA A 601 -15.77 25.67 -41.22
CA ALA A 601 -14.60 24.98 -41.76
C ALA A 601 -13.51 24.82 -40.70
N LYS A 602 -13.38 25.79 -39.79
CA LYS A 602 -12.46 25.67 -38.68
C LYS A 602 -12.94 24.66 -37.65
N LEU A 603 -14.25 24.38 -37.62
CA LEU A 603 -14.77 23.32 -36.77
C LEU A 603 -14.29 21.96 -37.25
N ILE A 604 -14.03 21.82 -38.54
CA ILE A 604 -13.44 20.58 -39.05
C ILE A 604 -11.99 20.47 -38.56
N LYS A 605 -11.30 21.60 -38.40
CA LYS A 605 -9.90 21.58 -38.00
C LYS A 605 -9.73 21.09 -36.57
N MET A 606 -10.73 21.29 -35.73
CA MET A 606 -10.71 20.72 -34.38
C MET A 606 -11.45 19.40 -34.30
N GLN A 607 -12.07 18.94 -35.38
CA GLN A 607 -12.90 17.74 -35.30
C GLN A 607 -12.06 16.46 -35.33
N GLU A 608 -11.36 16.22 -36.43
CA GLU A 608 -10.59 14.99 -36.58
C GLU A 608 -9.26 15.02 -35.84
N ALA A 609 -8.93 16.11 -35.17
CA ALA A 609 -7.83 16.08 -34.22
C ALA A 609 -8.14 15.17 -33.04
N ALA A 610 -9.42 15.10 -32.66
CA ALA A 610 -9.83 14.21 -31.60
C ALA A 610 -10.23 12.83 -32.12
N HIS A 611 -10.35 12.67 -33.44
CA HIS A 611 -10.74 11.37 -33.99
C HIS A 611 -9.58 10.40 -33.97
N GLU A 612 -8.51 10.71 -34.70
CA GLU A 612 -7.42 9.74 -34.88
C GLU A 612 -6.56 9.64 -33.64
N THR A 613 -6.48 10.70 -32.84
CA THR A 613 -5.70 10.65 -31.61
C THR A 613 -6.42 9.91 -30.49
N ALA A 614 -7.71 9.62 -30.66
CA ALA A 614 -8.44 8.86 -29.65
C ALA A 614 -8.05 7.40 -29.68
N MET A 615 -8.31 6.72 -30.81
CA MET A 615 -8.12 5.29 -30.88
C MET A 615 -6.67 4.88 -31.12
N SER A 616 -5.81 5.82 -31.51
CA SER A 616 -4.37 5.56 -31.45
C SER A 616 -3.92 5.44 -30.00
N ASN A 617 -4.30 6.42 -29.18
CA ASN A 617 -3.94 6.39 -27.76
C ASN A 617 -4.76 5.35 -26.99
N ALA A 618 -5.96 5.01 -27.46
CA ALA A 618 -6.71 3.93 -26.83
C ALA A 618 -6.07 2.58 -27.13
N ARG A 619 -5.40 2.47 -28.28
CA ARG A 619 -4.53 1.31 -28.52
C ARG A 619 -3.31 1.32 -27.62
N LYS A 620 -2.78 2.50 -27.29
CA LYS A 620 -1.61 2.60 -26.43
C LYS A 620 -1.93 2.14 -25.00
N SER A 621 -3.20 2.24 -24.59
CA SER A 621 -3.61 1.66 -23.32
C SER A 621 -3.58 0.13 -23.37
N SER A 622 -3.73 -0.45 -24.56
CA SER A 622 -3.63 -1.90 -24.71
C SER A 622 -2.21 -2.34 -25.02
N ALA A 623 -1.44 -1.51 -25.73
CA ALA A 623 -0.08 -1.88 -26.09
C ALA A 623 0.85 -1.81 -24.88
N ARG A 624 0.63 -0.85 -23.99
CA ARG A 624 1.44 -0.76 -22.78
C ARG A 624 1.10 -1.89 -21.81
N PRO A 625 -0.19 -2.15 -21.61
CA PRO A 625 -0.63 -3.21 -20.71
C PRO A 625 -0.37 -4.58 -21.31
N ALA A 678 2.50 -30.76 8.22
CA ALA A 678 3.24 -31.60 7.28
C ALA A 678 4.74 -31.47 7.49
N PHE A 679 5.20 -30.22 7.58
CA PHE A 679 6.59 -29.84 7.87
C PHE A 679 7.58 -30.35 6.83
N LYS A 680 7.11 -30.58 5.61
CA LYS A 680 7.99 -30.74 4.46
C LYS A 680 7.96 -29.52 3.55
N ASP A 681 7.02 -28.59 3.78
CA ASP A 681 7.08 -27.29 3.14
C ASP A 681 8.28 -26.50 3.65
N GLN A 682 8.58 -26.63 4.94
CA GLN A 682 9.69 -25.93 5.60
C GLN A 682 10.89 -26.86 5.74
N ALA A 683 11.10 -27.73 4.75
CA ALA A 683 12.12 -28.77 4.87
C ALA A 683 13.48 -28.27 4.41
N ASN A 684 13.62 -27.87 3.15
CA ASN A 684 14.89 -27.35 2.69
C ASN A 684 14.95 -25.83 2.79
N SER A 685 13.79 -25.18 2.92
CA SER A 685 13.75 -23.73 3.00
C SER A 685 14.29 -23.23 4.34
N PHE A 686 14.36 -24.12 5.32
CA PHE A 686 15.15 -23.81 6.51
C PHE A 686 16.61 -24.18 6.32
N TRP A 687 16.92 -25.06 5.37
CA TRP A 687 18.28 -25.57 5.25
C TRP A 687 19.03 -25.01 4.04
N ARG A 688 18.38 -24.91 2.88
CA ARG A 688 19.06 -24.34 1.71
C ARG A 688 19.28 -22.85 1.90
N LEU A 689 18.31 -22.17 2.51
CA LEU A 689 18.50 -20.79 2.95
C LEU A 689 19.68 -20.69 3.90
N ALA A 690 19.75 -21.56 4.89
CA ALA A 690 20.88 -21.53 5.81
C ALA A 690 21.99 -22.47 5.35
N LYS A 691 22.33 -22.40 4.09
CA LYS A 691 23.50 -23.06 3.51
C LYS A 691 24.32 -22.07 2.71
N MET A 692 23.66 -21.14 2.02
CA MET A 692 24.30 -19.94 1.52
C MET A 692 24.57 -18.93 2.64
N ASN A 693 24.02 -19.16 3.83
CA ASN A 693 24.48 -18.45 5.03
C ASN A 693 25.56 -19.28 5.73
N SER A 694 26.63 -19.55 4.99
CA SER A 694 27.81 -20.10 5.62
C SER A 694 29.16 -19.61 5.08
N PRO A 695 29.37 -18.32 4.85
CA PRO A 695 30.72 -17.77 5.11
C PRO A 695 30.85 -17.14 6.49
N GLU A 696 29.76 -17.09 7.26
CA GLU A 696 29.79 -16.53 8.60
C GLU A 696 29.28 -17.60 9.56
N TRP A 697 30.19 -18.48 9.97
CA TRP A 697 29.97 -19.29 11.14
C TRP A 697 30.75 -18.80 12.34
N LYS A 698 31.81 -18.02 12.12
CA LYS A 698 32.56 -17.45 13.23
C LYS A 698 31.83 -16.32 13.91
N TYR A 699 30.72 -15.84 13.36
CA TYR A 699 29.92 -14.83 14.03
C TYR A 699 28.60 -15.38 14.56
N ALA A 700 28.29 -16.64 14.34
CA ALA A 700 27.12 -17.24 14.94
C ALA A 700 27.48 -18.34 15.91
N LEU A 701 28.76 -18.55 16.16
CA LEU A 701 29.23 -19.37 17.27
C LEU A 701 29.94 -18.55 18.32
N LEU A 702 29.86 -17.22 18.24
CA LEU A 702 30.09 -16.37 19.38
C LEU A 702 28.80 -15.84 19.95
N GLY A 703 27.81 -15.58 19.10
CA GLY A 703 26.53 -15.13 19.58
C GLY A 703 25.70 -16.24 20.20
N SER A 704 26.06 -17.49 19.97
CA SER A 704 25.45 -18.56 20.74
C SER A 704 26.11 -18.73 22.09
N VAL A 705 27.40 -18.39 22.21
CA VAL A 705 28.04 -18.32 23.51
C VAL A 705 27.39 -17.24 24.36
N GLY A 706 27.21 -16.05 23.80
CA GLY A 706 26.52 -14.98 24.51
C GLY A 706 25.02 -15.19 24.67
N SER A 707 24.44 -16.21 24.04
CA SER A 707 23.04 -16.52 24.28
C SER A 707 22.87 -17.52 25.41
N VAL A 708 23.95 -18.21 25.79
CA VAL A 708 23.86 -19.08 26.95
C VAL A 708 24.12 -18.30 28.22
N ILE A 709 25.03 -17.33 28.18
CA ILE A 709 25.39 -16.57 29.37
C ILE A 709 24.25 -15.67 29.80
N CYS A 710 23.54 -15.05 28.86
CA CYS A 710 22.30 -14.37 29.24
C CYS A 710 21.15 -15.33 29.46
N GLY A 711 21.33 -16.61 29.16
CA GLY A 711 20.32 -17.59 29.52
C GLY A 711 20.45 -17.96 30.98
N SER A 712 21.67 -18.00 31.50
CA SER A 712 21.87 -18.31 32.91
C SER A 712 21.46 -17.15 33.80
N LEU A 713 21.83 -15.92 33.44
CA LEU A 713 21.55 -14.76 34.28
C LEU A 713 20.07 -14.37 34.29
N SER A 714 19.25 -14.97 33.44
CA SER A 714 17.81 -14.82 33.59
C SER A 714 17.25 -15.78 34.63
N ALA A 715 18.03 -16.79 35.02
CA ALA A 715 17.58 -17.78 35.98
C ALA A 715 18.45 -17.82 37.22
N PHE A 716 19.67 -17.31 37.15
CA PHE A 716 20.46 -17.13 38.35
C PHE A 716 19.84 -16.09 39.26
N PHE A 717 19.26 -15.04 38.68
CA PHE A 717 18.57 -14.02 39.46
C PHE A 717 17.35 -14.56 40.18
N ALA A 718 16.64 -15.53 39.58
CA ALA A 718 15.53 -16.13 40.29
C ALA A 718 15.99 -17.01 41.44
N TYR A 719 17.25 -17.44 41.43
CA TYR A 719 17.75 -18.24 42.53
C TYR A 719 18.15 -17.38 43.72
N VAL A 720 18.76 -16.22 43.46
CA VAL A 720 19.20 -15.36 44.55
C VAL A 720 18.01 -14.77 45.27
N LEU A 721 17.01 -14.30 44.52
CA LEU A 721 15.78 -13.81 45.12
C LEU A 721 15.03 -14.89 45.89
N SER A 722 15.14 -16.14 45.45
CA SER A 722 14.52 -17.24 46.18
C SER A 722 15.24 -17.56 47.46
N ALA A 723 16.55 -17.81 47.39
CA ALA A 723 17.29 -18.26 48.55
C ALA A 723 17.45 -17.19 49.62
N VAL A 724 17.29 -15.91 49.27
CA VAL A 724 17.23 -14.88 50.30
C VAL A 724 15.94 -15.03 51.11
N LEU A 725 14.85 -15.39 50.44
CA LEU A 725 13.55 -15.53 51.11
C LEU A 725 13.52 -16.72 52.07
N SER A 726 14.49 -17.64 51.99
CA SER A 726 14.64 -18.65 53.01
C SER A 726 15.48 -18.18 54.19
N VAL A 727 16.37 -17.21 53.97
CA VAL A 727 17.26 -16.75 55.03
C VAL A 727 16.50 -15.95 56.06
N TYR A 728 15.49 -15.17 55.63
CA TYR A 728 14.69 -14.29 56.49
C TYR A 728 13.95 -15.02 57.62
N TYR A 729 13.88 -16.34 57.60
CA TYR A 729 13.18 -17.10 58.61
C TYR A 729 14.15 -18.01 59.35
N ASN A 730 15.27 -17.44 59.76
CA ASN A 730 16.31 -18.18 60.48
C ASN A 730 16.56 -17.47 61.81
N PRO A 731 16.42 -18.15 62.95
CA PRO A 731 16.59 -17.48 64.24
C PRO A 731 18.03 -17.30 64.70
N ASP A 732 19.00 -17.42 63.81
CA ASP A 732 20.41 -17.22 64.14
C ASP A 732 20.85 -15.92 63.47
N HIS A 733 20.93 -14.85 64.24
CA HIS A 733 21.33 -13.55 63.69
C HIS A 733 22.86 -13.41 63.63
N GLU A 734 23.54 -14.44 63.15
CA GLU A 734 24.93 -14.37 62.76
C GLU A 734 25.20 -15.14 61.48
N TYR A 735 24.40 -16.15 61.16
CA TYR A 735 24.35 -16.76 59.86
C TYR A 735 23.59 -15.92 58.86
N MET A 736 22.79 -14.96 59.35
CA MET A 736 21.98 -14.12 58.50
C MET A 736 22.76 -12.93 57.97
N ILE A 737 23.74 -12.43 58.71
CA ILE A 737 24.58 -11.35 58.20
C ILE A 737 25.54 -11.88 57.14
N LYS A 738 26.11 -13.07 57.37
CA LYS A 738 26.97 -13.69 56.37
C LYS A 738 26.19 -14.05 55.11
N GLN A 739 25.13 -14.85 55.24
CA GLN A 739 24.45 -15.34 54.06
C GLN A 739 23.48 -14.35 53.44
N ILE A 740 23.51 -13.08 53.84
CA ILE A 740 23.06 -12.04 52.93
C ILE A 740 24.27 -11.49 52.18
N ASP A 741 25.41 -11.38 52.86
CA ASP A 741 26.59 -10.73 52.32
C ASP A 741 27.25 -11.52 51.18
N LYS A 742 26.89 -12.79 50.98
CA LYS A 742 27.23 -13.44 49.73
C LYS A 742 26.26 -13.00 48.63
N TYR A 743 24.96 -13.13 48.88
CA TYR A 743 23.97 -12.87 47.85
C TYR A 743 23.74 -11.39 47.55
N CYS A 744 24.53 -10.49 48.14
CA CYS A 744 24.61 -9.12 47.65
C CYS A 744 25.88 -8.90 46.85
N TYR A 745 26.96 -9.58 47.19
CA TYR A 745 28.19 -9.39 46.44
C TYR A 745 28.16 -10.14 45.12
N LEU A 746 27.55 -11.33 45.07
CA LEU A 746 27.37 -11.99 43.78
C LEU A 746 26.40 -11.23 42.90
N LEU A 747 25.46 -10.51 43.49
CA LEU A 747 24.46 -9.84 42.68
C LEU A 747 25.03 -8.59 42.04
N ILE A 748 26.12 -8.07 42.57
CA ILE A 748 26.88 -7.04 41.87
C ILE A 748 27.92 -7.66 40.96
N GLY A 749 28.57 -8.73 41.43
CA GLY A 749 29.61 -9.37 40.64
C GLY A 749 29.07 -10.05 39.40
N LEU A 750 27.84 -10.56 39.46
CA LEU A 750 27.15 -11.00 38.26
C LEU A 750 26.13 -9.98 37.79
N SER A 751 26.45 -8.70 37.93
CA SER A 751 25.80 -7.65 37.17
C SER A 751 26.70 -7.03 36.15
N SER A 752 28.00 -6.97 36.44
CA SER A 752 28.95 -6.47 35.47
C SER A 752 29.17 -7.46 34.33
N ALA A 753 29.03 -8.75 34.61
CA ALA A 753 29.09 -9.77 33.58
C ALA A 753 27.73 -10.03 32.95
N ALA A 754 26.79 -9.11 33.07
CA ALA A 754 25.58 -9.17 32.25
C ALA A 754 25.66 -8.18 31.11
N LEU A 755 26.07 -6.95 31.41
CA LEU A 755 26.12 -5.90 30.39
C LEU A 755 27.19 -6.18 29.34
N VAL A 756 28.29 -6.81 29.75
CA VAL A 756 29.34 -7.12 28.79
C VAL A 756 28.91 -8.27 27.89
N PHE A 757 28.22 -9.26 28.44
CA PHE A 757 27.79 -10.40 27.64
C PHE A 757 26.35 -10.29 27.17
N ASN A 758 25.79 -9.08 27.15
CA ASN A 758 24.50 -8.87 26.50
C ASN A 758 24.65 -8.08 25.21
N THR A 759 25.77 -7.38 25.04
CA THR A 759 26.11 -6.80 23.75
C THR A 759 26.90 -7.77 22.87
N LEU A 760 26.91 -9.05 23.21
CA LEU A 760 27.35 -10.05 22.27
C LEU A 760 26.23 -10.96 21.82
N GLN A 761 25.09 -10.95 22.52
CA GLN A 761 23.99 -11.77 22.07
C GLN A 761 23.21 -11.05 20.98
N HIS A 762 23.07 -9.74 21.10
CA HIS A 762 22.25 -9.01 20.16
C HIS A 762 23.05 -8.29 19.09
N SER A 763 24.36 -8.16 19.27
CA SER A 763 25.17 -7.54 18.23
C SER A 763 25.65 -8.53 17.20
N PHE A 764 26.10 -9.71 17.63
CA PHE A 764 26.56 -10.67 16.64
C PHE A 764 25.42 -11.44 16.00
N TRP A 765 24.18 -11.30 16.50
CA TRP A 765 23.04 -11.79 15.77
C TRP A 765 22.35 -10.71 14.97
N ASP A 766 23.10 -9.69 14.56
CA ASP A 766 22.75 -8.87 13.42
C ASP A 766 23.82 -8.85 12.37
N ILE A 767 25.07 -9.14 12.72
CA ILE A 767 26.07 -9.31 11.68
C ILE A 767 25.87 -10.65 10.97
N VAL A 768 25.24 -11.61 11.63
CA VAL A 768 24.74 -12.76 10.89
C VAL A 768 23.39 -12.42 10.27
N GLY A 769 22.67 -11.47 10.86
CA GLY A 769 21.39 -11.05 10.33
C GLY A 769 21.44 -10.33 8.99
N GLU A 770 22.13 -9.19 8.92
CA GLU A 770 22.13 -8.42 7.68
C GLU A 770 22.92 -9.11 6.56
N ASN A 771 24.04 -9.75 6.88
CA ASN A 771 24.84 -10.32 5.79
C ASN A 771 24.22 -11.56 5.15
N LEU A 772 23.11 -12.06 5.67
CA LEU A 772 22.26 -12.93 4.87
C LEU A 772 21.41 -12.08 3.93
N THR A 773 20.84 -11.00 4.46
CA THR A 773 19.81 -10.25 3.74
C THR A 773 20.39 -9.53 2.53
N LYS A 774 21.62 -9.03 2.63
CA LYS A 774 22.24 -8.46 1.43
C LYS A 774 22.62 -9.55 0.45
N ARG A 775 22.96 -10.74 0.93
CA ARG A 775 23.31 -11.84 0.04
C ARG A 775 22.08 -12.42 -0.67
N VAL A 776 20.88 -12.16 -0.17
CA VAL A 776 19.69 -12.61 -0.88
C VAL A 776 19.21 -11.55 -1.88
N ARG A 777 19.28 -10.26 -1.52
CA ARG A 777 18.81 -9.21 -2.44
C ARG A 777 19.67 -9.09 -3.67
N GLU A 778 20.95 -9.45 -3.59
CA GLU A 778 21.82 -9.36 -4.75
C GLU A 778 21.79 -10.62 -5.60
N LYS A 779 21.07 -11.65 -5.18
CA LYS A 779 20.84 -12.80 -6.05
C LYS A 779 19.49 -12.74 -6.72
N MET A 780 18.51 -12.07 -6.13
CA MET A 780 17.20 -11.97 -6.74
C MET A 780 17.23 -11.07 -7.97
N LEU A 781 17.71 -9.82 -7.80
CA LEU A 781 17.89 -8.93 -8.94
C LEU A 781 18.91 -9.44 -9.93
N SER A 782 19.86 -10.26 -9.51
CA SER A 782 20.75 -10.85 -10.49
C SER A 782 20.13 -12.03 -11.20
N ALA A 783 18.95 -12.47 -10.80
CA ALA A 783 18.26 -13.54 -11.50
C ALA A 783 16.91 -13.14 -12.05
N VAL A 784 16.42 -11.94 -11.74
CA VAL A 784 15.28 -11.41 -12.49
C VAL A 784 15.74 -10.99 -13.89
N LEU A 785 16.93 -10.43 -13.99
CA LEU A 785 17.42 -9.90 -15.25
C LEU A 785 17.96 -10.97 -16.19
N LYS A 786 17.64 -12.24 -15.99
CA LYS A 786 17.91 -13.26 -16.97
C LYS A 786 16.65 -13.77 -17.65
N ASN A 787 15.47 -13.41 -17.14
CA ASN A 787 14.23 -13.77 -17.80
C ASN A 787 14.07 -13.01 -19.11
N GLU A 788 13.34 -13.62 -20.03
CA GLU A 788 13.08 -13.03 -21.34
C GLU A 788 12.20 -11.79 -21.21
N MET A 789 12.18 -11.00 -22.29
CA MET A 789 11.32 -9.83 -22.34
C MET A 789 9.84 -10.22 -22.37
N ALA A 790 9.53 -11.39 -22.93
CA ALA A 790 8.16 -11.89 -22.91
C ALA A 790 7.73 -12.32 -21.53
N TRP A 791 8.67 -12.65 -20.64
CA TRP A 791 8.31 -12.95 -19.26
C TRP A 791 7.87 -11.70 -18.52
N PHE A 792 8.34 -10.54 -18.96
CA PHE A 792 8.38 -9.39 -18.08
C PHE A 792 7.11 -8.57 -18.13
N ASP A 793 6.31 -8.70 -19.18
CA ASP A 793 5.01 -8.05 -19.25
C ASP A 793 3.87 -8.97 -18.85
N GLN A 794 4.17 -10.13 -18.27
CA GLN A 794 3.14 -11.05 -17.84
C GLN A 794 2.41 -10.48 -16.62
N GLU A 795 1.20 -10.99 -16.36
CA GLU A 795 0.14 -10.39 -15.54
C GLU A 795 0.59 -9.81 -14.20
N GLU A 796 1.52 -10.47 -13.51
CA GLU A 796 1.91 -10.04 -12.17
C GLU A 796 3.27 -9.36 -12.11
N ASN A 797 4.01 -9.29 -13.22
CA ASN A 797 5.39 -8.81 -13.20
C ASN A 797 5.54 -7.33 -13.55
N GLU A 798 4.55 -6.49 -13.25
CA GLU A 798 4.70 -5.08 -13.55
C GLU A 798 5.53 -4.38 -12.47
N SER A 799 5.58 -3.05 -12.54
CA SER A 799 6.59 -2.28 -11.82
C SER A 799 6.36 -2.31 -10.32
N ALA A 800 5.14 -2.04 -9.87
CA ALA A 800 4.90 -1.87 -8.44
C ALA A 800 4.84 -3.20 -7.71
N ARG A 801 4.81 -4.32 -8.42
CA ARG A 801 4.72 -5.61 -7.77
C ARG A 801 6.07 -6.32 -7.65
N ILE A 802 7.11 -5.81 -8.31
CA ILE A 802 8.42 -6.44 -8.18
C ILE A 802 9.15 -5.91 -6.96
N ALA A 803 9.10 -4.59 -6.73
CA ALA A 803 9.73 -4.01 -5.55
C ALA A 803 9.06 -4.45 -4.26
N ALA A 804 7.81 -4.89 -4.31
CA ALA A 804 7.19 -5.48 -3.13
C ALA A 804 7.79 -6.84 -2.82
N ARG A 805 8.11 -7.62 -3.84
CA ARG A 805 8.73 -8.92 -3.63
C ARG A 805 10.21 -8.81 -3.27
N LEU A 806 10.77 -7.62 -3.29
CA LEU A 806 12.10 -7.40 -2.77
C LEU A 806 12.11 -6.54 -1.52
N ALA A 807 10.93 -6.17 -1.01
CA ALA A 807 10.86 -5.47 0.26
C ALA A 807 10.26 -6.36 1.34
N LEU A 808 9.18 -7.07 1.02
CA LEU A 808 8.59 -7.97 1.99
C LEU A 808 9.38 -9.25 2.13
N ASP A 809 9.80 -9.84 1.01
CA ASP A 809 10.45 -11.14 1.07
C ASP A 809 11.90 -11.02 1.53
N ALA A 810 12.49 -9.84 1.45
CA ALA A 810 13.86 -9.69 1.89
C ALA A 810 13.95 -9.48 3.39
N ASN A 811 12.96 -8.80 3.98
CA ASN A 811 13.03 -8.52 5.41
C ASN A 811 12.33 -9.57 6.25
N ASN A 812 11.35 -10.28 5.68
CA ASN A 812 10.72 -11.35 6.44
C ASN A 812 11.56 -12.60 6.48
N VAL A 813 12.62 -12.67 5.66
CA VAL A 813 13.53 -13.80 5.71
C VAL A 813 14.71 -13.50 6.62
N ARG A 814 14.86 -12.25 7.06
CA ARG A 814 15.89 -11.92 8.05
C ARG A 814 15.54 -12.49 9.41
N SER A 815 14.25 -12.53 9.73
CA SER A 815 13.79 -12.93 11.05
C SER A 815 13.54 -14.43 11.18
N ALA A 816 14.16 -15.26 10.34
CA ALA A 816 13.88 -16.68 10.41
C ALA A 816 15.11 -17.48 10.81
N ILE A 817 16.29 -17.09 10.32
CA ILE A 817 17.50 -17.78 10.73
C ILE A 817 18.21 -17.02 11.85
N GLY A 818 18.06 -15.69 11.86
CA GLY A 818 18.71 -14.89 12.88
C GLY A 818 18.11 -15.07 14.26
N ASP A 819 16.83 -14.70 14.43
CA ASP A 819 16.22 -14.65 15.76
C ASP A 819 16.07 -16.03 16.37
N ARG A 820 15.60 -16.99 15.60
CA ARG A 820 15.18 -18.26 16.18
C ARG A 820 16.33 -19.24 16.37
N ILE A 821 17.56 -18.76 16.45
CA ILE A 821 18.59 -19.53 17.15
C ILE A 821 18.90 -18.88 18.49
N SER A 822 18.81 -17.54 18.58
CA SER A 822 19.02 -16.89 19.86
C SER A 822 17.85 -17.12 20.81
N VAL A 823 16.65 -17.37 20.28
CA VAL A 823 15.50 -17.58 21.14
C VAL A 823 15.46 -19.02 21.62
N ILE A 824 15.65 -19.97 20.70
CA ILE A 824 15.53 -21.38 21.05
C ILE A 824 16.68 -21.81 21.96
N VAL A 825 17.83 -21.15 21.87
CA VAL A 825 18.91 -21.51 22.79
C VAL A 825 18.70 -20.89 24.17
N GLN A 826 18.38 -19.59 24.24
CA GLN A 826 18.29 -19.00 25.58
C GLN A 826 16.97 -19.32 26.28
N ASN A 827 16.02 -19.96 25.61
CA ASN A 827 14.93 -20.61 26.32
C ASN A 827 15.18 -22.09 26.51
N THR A 828 16.43 -22.51 26.39
CA THR A 828 16.87 -23.81 26.84
C THR A 828 17.94 -23.68 27.92
N ALA A 829 18.67 -22.57 27.91
CA ALA A 829 19.65 -22.31 28.96
C ALA A 829 19.00 -21.98 30.29
N LEU A 830 17.73 -21.54 30.27
CA LEU A 830 16.96 -21.52 31.51
C LEU A 830 16.71 -22.91 32.05
N MET A 831 16.29 -23.84 31.20
CA MET A 831 15.79 -25.12 31.67
C MET A 831 16.91 -25.99 32.21
N LEU A 832 18.15 -25.73 31.80
CA LEU A 832 19.26 -26.48 32.37
C LEU A 832 19.74 -25.88 33.67
N VAL A 833 19.33 -24.66 33.99
CA VAL A 833 19.72 -24.05 35.25
C VAL A 833 18.53 -23.94 36.21
N ALA A 834 17.32 -23.72 35.69
CA ALA A 834 16.17 -23.66 36.58
C ALA A 834 15.74 -25.04 37.06
N CYS A 835 15.56 -26.00 36.14
CA CYS A 835 15.14 -27.33 36.55
C CYS A 835 16.24 -28.11 37.24
N THR A 836 17.50 -27.72 37.08
CA THR A 836 18.57 -28.34 37.85
C THR A 836 18.41 -28.03 39.34
N ALA A 837 18.09 -26.78 39.67
CA ALA A 837 17.76 -26.46 41.06
C ALA A 837 16.50 -27.17 41.52
N GLY A 838 15.58 -27.45 40.61
CA GLY A 838 14.40 -28.20 40.98
C GLY A 838 14.70 -29.66 41.27
N PHE A 839 15.43 -30.32 40.39
CA PHE A 839 15.67 -31.75 40.53
C PHE A 839 16.90 -32.08 41.36
N VAL A 840 17.35 -31.17 42.22
CA VAL A 840 18.38 -31.45 43.21
C VAL A 840 17.85 -31.24 44.62
N LEU A 841 17.15 -30.13 44.84
CA LEU A 841 16.67 -29.80 46.18
C LEU A 841 15.49 -30.67 46.59
N GLN A 842 14.56 -30.90 45.68
CA GLN A 842 13.39 -31.73 45.99
C GLN A 842 12.86 -32.29 44.70
N TRP A 843 13.00 -33.61 44.49
CA TRP A 843 12.64 -34.18 43.21
C TRP A 843 11.14 -34.40 43.03
N ARG A 844 10.33 -34.20 44.07
CA ARG A 844 8.90 -34.46 43.97
C ARG A 844 8.10 -33.22 43.61
N LEU A 845 8.46 -32.06 44.15
CA LEU A 845 7.74 -30.85 43.80
C LEU A 845 8.05 -30.41 42.38
N ALA A 846 9.20 -30.80 41.84
CA ALA A 846 9.63 -30.37 40.52
C ALA A 846 9.09 -31.24 39.40
N LEU A 847 8.05 -32.02 39.66
CA LEU A 847 7.25 -32.63 38.62
C LEU A 847 5.91 -31.93 38.44
N VAL A 848 5.27 -31.60 39.54
CA VAL A 848 3.96 -30.95 39.50
C VAL A 848 4.09 -29.54 38.95
N LEU A 849 5.18 -28.85 39.28
CA LEU A 849 5.42 -27.53 38.72
C LEU A 849 5.82 -27.61 37.25
N VAL A 850 6.53 -28.67 36.84
CA VAL A 850 6.89 -28.78 35.43
C VAL A 850 5.72 -29.31 34.61
N ALA A 851 4.77 -30.01 35.23
CA ALA A 851 3.57 -30.39 34.50
C ALA A 851 2.66 -29.19 34.25
N VAL A 852 2.69 -28.19 35.13
CA VAL A 852 1.86 -27.01 34.96
C VAL A 852 2.68 -25.88 34.39
N PHE A 853 3.93 -26.15 34.10
CA PHE A 853 4.83 -25.20 33.44
C PHE A 853 4.41 -24.78 32.01
N PRO A 854 3.67 -25.59 31.22
CA PRO A 854 3.08 -24.99 30.01
C PRO A 854 2.07 -23.87 30.25
N VAL A 855 1.15 -24.01 31.21
CA VAL A 855 0.09 -23.02 31.32
C VAL A 855 0.58 -21.72 31.95
N VAL A 856 1.75 -21.72 32.59
CA VAL A 856 2.28 -20.48 33.14
C VAL A 856 2.84 -19.60 32.04
N VAL A 857 3.70 -20.17 31.18
CA VAL A 857 4.37 -19.38 30.15
C VAL A 857 3.39 -19.02 29.04
N ALA A 858 2.31 -19.80 28.89
CA ALA A 858 1.24 -19.39 28.00
C ALA A 858 0.50 -18.17 28.54
N ALA A 859 0.22 -18.17 29.84
CA ALA A 859 -0.55 -17.10 30.45
C ALA A 859 0.22 -15.79 30.58
N THR A 860 1.54 -15.81 30.41
CA THR A 860 2.29 -14.57 30.41
C THR A 860 2.39 -13.97 29.01
N VAL A 861 2.29 -14.81 27.98
CA VAL A 861 2.18 -14.30 26.62
C VAL A 861 0.89 -13.51 26.44
N LEU A 862 -0.22 -14.01 26.98
CA LEU A 862 -1.48 -13.29 26.88
C LEU A 862 -1.51 -12.04 27.74
N GLN A 863 -0.69 -11.96 28.78
CA GLN A 863 -0.52 -10.68 29.46
C GLN A 863 0.36 -9.74 28.66
N LYS A 864 1.03 -10.23 27.62
CA LYS A 864 1.84 -9.39 26.76
C LYS A 864 1.22 -9.19 25.38
N MET A 865 0.29 -10.04 24.97
CA MET A 865 -0.59 -9.69 23.85
C MET A 865 -1.61 -8.65 24.28
N PHE A 866 -1.95 -8.62 25.55
CA PHE A 866 -2.55 -7.44 26.15
C PHE A 866 -1.52 -6.32 26.15
N MET A 867 -2.01 -5.08 26.28
CA MET A 867 -1.36 -3.78 26.21
C MET A 867 -1.06 -3.37 24.76
N THR A 868 -1.22 -4.26 23.79
CA THR A 868 -1.31 -3.86 22.40
C THR A 868 -2.72 -3.99 21.88
N GLY A 869 -3.63 -4.51 22.67
CA GLY A 869 -5.03 -4.57 22.30
C GLY A 869 -5.33 -5.76 21.41
N PHE A 870 -6.35 -6.51 21.78
CA PHE A 870 -6.90 -7.50 20.87
C PHE A 870 -7.70 -6.78 19.79
N SER A 871 -7.91 -7.48 18.67
CA SER A 871 -8.63 -6.99 17.49
C SER A 871 -8.00 -5.71 16.93
N GLY A 872 -6.77 -5.88 16.44
CA GLY A 872 -6.11 -4.83 15.70
C GLY A 872 -6.57 -4.79 14.26
N ASP A 873 -5.84 -3.97 13.48
CA ASP A 873 -5.83 -3.83 12.00
C ASP A 873 -7.21 -3.98 11.33
N LEU A 874 -8.13 -3.10 11.74
CA LEU A 874 -9.51 -3.07 11.21
C LEU A 874 -9.61 -2.54 9.78
N GLU A 875 -8.51 -2.28 9.08
CA GLU A 875 -8.60 -1.90 7.67
C GLU A 875 -9.13 -3.05 6.82
N ALA A 876 -8.74 -4.27 7.15
CA ALA A 876 -9.16 -5.43 6.35
C ALA A 876 -10.63 -5.74 6.56
N ALA A 877 -11.14 -5.49 7.78
CA ALA A 877 -12.56 -5.73 8.04
C ALA A 877 -13.45 -4.63 7.47
N HIS A 878 -12.87 -3.51 7.04
CA HIS A 878 -13.66 -2.40 6.52
C HIS A 878 -13.12 -1.86 5.20
N ALA A 879 -12.42 -2.67 4.42
CA ALA A 879 -11.98 -2.23 3.10
C ALA A 879 -13.07 -2.41 2.04
N LYS A 880 -14.01 -3.32 2.26
CA LYS A 880 -15.08 -3.52 1.30
C LYS A 880 -16.11 -2.41 1.37
N GLY A 881 -16.53 -2.05 2.59
CA GLY A 881 -17.53 -1.01 2.74
C GLY A 881 -17.02 0.37 2.38
N THR A 882 -15.71 0.60 2.55
CA THR A 882 -15.10 1.89 2.23
C THR A 882 -15.18 2.19 0.73
N GLN A 883 -15.18 1.14 -0.11
CA GLN A 883 -15.15 1.33 -1.56
C GLN A 883 -16.44 1.96 -2.07
N LEU A 884 -17.56 1.72 -1.41
CA LEU A 884 -18.79 2.35 -1.84
C LEU A 884 -18.84 3.82 -1.45
N ALA A 885 -18.22 4.19 -0.33
CA ALA A 885 -18.12 5.60 0.03
C ALA A 885 -16.98 6.28 -0.70
N GLY A 886 -16.02 5.50 -1.20
CA GLY A 886 -14.95 6.08 -1.96
C GLY A 886 -15.40 6.58 -3.33
N GLU A 887 -16.23 5.79 -4.00
CA GLU A 887 -16.68 6.15 -5.33
C GLU A 887 -17.84 7.13 -5.29
N ALA A 888 -18.60 7.17 -4.19
CA ALA A 888 -19.77 8.02 -4.12
C ALA A 888 -19.41 9.49 -3.93
N ILE A 889 -18.40 9.77 -3.11
CA ILE A 889 -17.94 11.14 -2.94
C ILE A 889 -17.25 11.61 -4.22
N ALA A 890 -16.51 10.73 -4.87
CA ALA A 890 -15.77 11.11 -6.08
C ALA A 890 -16.71 11.34 -7.26
N ASN A 891 -17.89 10.74 -7.24
CA ASN A 891 -18.89 10.92 -8.28
C ASN A 891 -20.04 11.80 -7.84
N VAL A 892 -19.74 12.88 -7.10
CA VAL A 892 -20.78 13.66 -6.44
C VAL A 892 -21.62 14.45 -7.44
N ARG A 893 -21.12 14.65 -8.66
CA ARG A 893 -21.98 15.26 -9.67
C ARG A 893 -22.96 14.25 -10.25
N THR A 894 -22.51 13.00 -10.44
CA THR A 894 -23.36 11.99 -11.06
C THR A 894 -24.42 11.50 -10.08
N VAL A 895 -24.04 11.31 -8.82
CA VAL A 895 -24.98 10.91 -7.78
C VAL A 895 -26.05 11.98 -7.59
N ALA A 896 -25.64 13.24 -7.49
CA ALA A 896 -26.60 14.32 -7.36
C ALA A 896 -27.34 14.63 -8.64
N ALA A 897 -26.89 14.10 -9.79
CA ALA A 897 -27.66 14.25 -11.02
C ALA A 897 -28.95 13.45 -10.98
N PHE A 898 -29.00 12.43 -10.14
CA PHE A 898 -30.19 11.65 -9.86
C PHE A 898 -30.64 12.01 -8.45
N ASN A 899 -31.77 11.48 -8.03
CA ASN A 899 -32.10 11.57 -6.61
C ASN A 899 -31.68 10.30 -5.87
N SER A 900 -30.46 9.89 -6.12
CA SER A 900 -29.88 8.70 -5.50
C SER A 900 -29.01 9.05 -4.30
N GLU A 901 -29.55 9.77 -3.33
CA GLU A 901 -28.81 10.10 -2.13
C GLU A 901 -29.43 9.46 -0.90
N ALA A 902 -30.45 8.62 -1.10
CA ALA A 902 -31.01 7.80 -0.05
C ALA A 902 -30.63 6.33 -0.19
N LYS A 903 -30.26 5.89 -1.39
CA LYS A 903 -29.83 4.51 -1.56
C LYS A 903 -28.37 4.32 -1.24
N ILE A 904 -27.53 5.33 -1.50
CA ILE A 904 -26.13 5.21 -1.16
C ILE A 904 -25.94 5.31 0.36
N VAL A 905 -26.91 5.88 1.07
CA VAL A 905 -26.94 5.73 2.51
C VAL A 905 -27.30 4.30 2.89
N ARG A 906 -28.43 3.80 2.37
CA ARG A 906 -28.92 2.48 2.75
C ARG A 906 -28.08 1.34 2.21
N LEU A 907 -27.18 1.60 1.27
CA LEU A 907 -26.23 0.60 0.84
C LEU A 907 -24.87 0.76 1.48
N TYR A 908 -24.59 1.90 2.09
CA TYR A 908 -23.43 1.95 2.96
C TYR A 908 -23.71 1.27 4.28
N THR A 909 -24.99 1.12 4.63
CA THR A 909 -25.35 0.41 5.84
C THR A 909 -25.07 -1.09 5.71
N ALA A 910 -25.61 -1.72 4.67
CA ALA A 910 -25.53 -3.17 4.54
C ALA A 910 -24.20 -3.67 4.03
N ASN A 911 -23.19 -2.81 3.86
CA ASN A 911 -21.83 -3.30 3.80
C ASN A 911 -21.17 -3.34 5.15
N LEU A 912 -21.87 -2.91 6.20
CA LEU A 912 -21.32 -2.94 7.54
C LEU A 912 -21.92 -4.01 8.44
N GLU A 913 -23.15 -4.44 8.17
CA GLU A 913 -23.82 -5.42 9.04
C GLU A 913 -23.19 -6.80 9.06
N PRO A 914 -22.51 -7.31 8.02
CA PRO A 914 -21.67 -8.49 8.23
C PRO A 914 -20.32 -8.17 8.87
N PRO A 915 -19.67 -7.02 8.62
CA PRO A 915 -18.54 -6.68 9.51
C PRO A 915 -18.91 -5.96 10.80
N LEU A 916 -20.17 -5.92 11.19
CA LEU A 916 -20.47 -5.46 12.53
C LEU A 916 -20.69 -6.63 13.46
N LYS A 917 -21.38 -7.66 12.99
CA LYS A 917 -21.56 -8.85 13.79
C LYS A 917 -20.28 -9.65 13.95
N ARG A 918 -19.35 -9.51 12.99
CA ARG A 918 -18.07 -10.19 13.13
C ARG A 918 -17.23 -9.60 14.26
N CYS A 919 -17.26 -8.28 14.45
CA CYS A 919 -16.55 -7.70 15.57
C CYS A 919 -17.24 -7.99 16.90
N PHE A 920 -18.51 -8.38 16.88
CA PHE A 920 -19.17 -8.79 18.10
C PHE A 920 -18.66 -10.14 18.58
N TRP A 921 -18.73 -11.16 17.72
CA TRP A 921 -18.35 -12.50 18.14
C TRP A 921 -16.86 -12.70 18.27
N LYS A 922 -16.05 -11.71 17.90
CA LYS A 922 -14.66 -11.75 18.31
C LYS A 922 -14.49 -11.13 19.69
N GLY A 923 -15.51 -10.42 20.17
CA GLY A 923 -15.50 -9.98 21.56
C GLY A 923 -15.79 -11.12 22.52
N GLN A 924 -16.87 -11.86 22.28
CA GLN A 924 -17.28 -12.91 23.20
C GLN A 924 -16.38 -14.14 23.14
N ILE A 925 -15.48 -14.22 22.17
CA ILE A 925 -14.53 -15.33 22.14
C ILE A 925 -13.20 -14.91 22.75
N ALA A 926 -12.63 -13.80 22.30
CA ALA A 926 -11.35 -13.35 22.83
C ALA A 926 -11.47 -12.77 24.22
N GLY A 927 -12.68 -12.49 24.70
CA GLY A 927 -12.83 -12.11 26.09
C GLY A 927 -12.60 -13.27 27.02
N SER A 928 -13.20 -14.42 26.71
CA SER A 928 -13.07 -15.58 27.57
C SER A 928 -11.77 -16.34 27.33
N GLY A 929 -11.17 -16.20 26.15
CA GLY A 929 -9.89 -16.85 25.90
C GLY A 929 -8.74 -16.25 26.70
N TYR A 930 -8.93 -15.04 27.21
CA TYR A 930 -8.09 -14.48 28.25
C TYR A 930 -8.71 -14.64 29.62
N GLY A 931 -10.00 -14.97 29.69
CA GLY A 931 -10.64 -15.17 30.98
C GLY A 931 -10.19 -16.45 31.66
N VAL A 932 -10.19 -17.55 30.91
CA VAL A 932 -9.78 -18.83 31.49
C VAL A 932 -8.28 -18.84 31.76
N ALA A 933 -7.48 -18.31 30.85
CA ALA A 933 -6.04 -18.36 31.01
C ALA A 933 -5.48 -17.35 31.99
N GLN A 934 -6.32 -16.66 32.76
CA GLN A 934 -5.90 -16.01 33.99
C GLN A 934 -6.61 -16.59 35.19
N PHE A 935 -7.38 -17.65 34.98
CA PHE A 935 -7.82 -18.50 36.07
C PHE A 935 -6.96 -19.75 36.18
N CYS A 936 -6.48 -20.29 35.07
CA CYS A 936 -5.58 -21.43 35.15
C CYS A 936 -4.18 -21.05 35.59
N LEU A 937 -3.86 -19.76 35.66
CA LEU A 937 -2.60 -19.39 36.31
C LEU A 937 -2.78 -19.35 37.82
N TYR A 938 -3.74 -18.57 38.31
CA TYR A 938 -3.96 -18.40 39.74
C TYR A 938 -4.62 -19.60 40.41
N ALA A 939 -4.97 -20.63 39.66
CA ALA A 939 -5.29 -21.92 40.27
C ALA A 939 -4.04 -22.78 40.41
N SER A 940 -3.13 -22.72 39.44
CA SER A 940 -1.90 -23.49 39.50
C SER A 940 -0.87 -22.90 40.45
N TYR A 941 -1.13 -21.73 41.04
CA TYR A 941 -0.37 -21.32 42.21
C TYR A 941 -0.96 -21.94 43.47
N ALA A 942 -2.28 -22.14 43.50
CA ALA A 942 -2.93 -22.77 44.63
C ALA A 942 -3.05 -24.27 44.47
N LEU A 943 -2.22 -24.87 43.64
CA LEU A 943 -1.97 -26.30 43.67
C LEU A 943 -0.49 -26.61 43.79
N GLY A 944 0.36 -25.69 43.34
CA GLY A 944 1.77 -25.80 43.66
C GLY A 944 2.03 -25.62 45.15
N LEU A 945 1.45 -24.57 45.73
CA LEU A 945 1.60 -24.33 47.16
C LEU A 945 0.65 -25.14 48.01
N TRP A 946 -0.10 -26.07 47.44
CA TRP A 946 -0.74 -27.03 48.33
C TRP A 946 0.15 -28.24 48.52
N TYR A 947 0.93 -28.60 47.51
CA TYR A 947 1.84 -29.72 47.64
C TYR A 947 3.08 -29.35 48.44
N ALA A 948 3.19 -28.09 48.83
CA ALA A 948 4.22 -27.67 49.76
C ALA A 948 3.91 -28.12 51.17
N SER A 949 2.71 -27.81 51.66
CA SER A 949 2.39 -28.17 53.03
C SER A 949 2.10 -29.65 53.19
N TRP A 950 1.91 -30.39 52.11
CA TRP A 950 1.68 -31.83 52.27
C TRP A 950 2.99 -32.56 52.52
N LEU A 951 4.10 -32.03 52.02
CA LEU A 951 5.39 -32.63 52.34
C LEU A 951 5.82 -32.29 53.75
N VAL A 952 5.47 -31.10 54.24
CA VAL A 952 5.89 -30.68 55.56
C VAL A 952 5.12 -31.44 56.63
N LYS A 953 3.85 -31.73 56.38
CA LYS A 953 3.06 -32.44 57.38
C LYS A 953 3.49 -33.90 57.49
N HIS A 954 3.90 -34.51 56.39
CA HIS A 954 4.34 -35.89 56.43
C HIS A 954 5.85 -36.03 56.52
N GLY A 955 6.55 -34.96 56.91
CA GLY A 955 7.94 -35.05 57.31
C GLY A 955 8.91 -35.44 56.22
N ILE A 956 8.63 -35.07 54.97
CA ILE A 956 9.45 -35.49 53.85
C ILE A 956 10.45 -34.38 53.54
N SER A 957 10.06 -33.14 53.83
CA SER A 957 10.93 -32.00 53.60
C SER A 957 10.61 -30.96 54.67
N ASP A 958 11.03 -29.71 54.42
CA ASP A 958 10.82 -28.65 55.40
C ASP A 958 10.57 -27.35 54.65
N PHE A 959 10.70 -26.22 55.35
CA PHE A 959 10.41 -24.94 54.73
C PHE A 959 11.52 -24.49 53.81
N SER A 960 12.78 -24.69 54.23
CA SER A 960 13.89 -24.05 53.53
C SER A 960 14.13 -24.63 52.15
N LYS A 961 13.81 -25.90 51.95
CA LYS A 961 14.01 -26.49 50.64
C LYS A 961 12.79 -26.35 49.75
N THR A 962 11.60 -26.23 50.31
CA THR A 962 10.43 -26.23 49.46
C THR A 962 10.20 -24.87 48.80
N ILE A 963 10.29 -23.78 49.56
CA ILE A 963 10.12 -22.45 48.97
C ILE A 963 11.37 -22.01 48.23
N ARG A 964 12.47 -22.73 48.38
CA ARG A 964 13.59 -22.50 47.48
C ARG A 964 13.34 -23.14 46.12
N VAL A 965 12.55 -24.21 46.08
CA VAL A 965 12.19 -24.80 44.79
C VAL A 965 11.19 -23.94 44.06
N PHE A 966 10.13 -23.53 44.76
CA PHE A 966 8.93 -22.99 44.12
C PHE A 966 9.20 -21.67 43.40
N MET A 967 9.79 -20.70 44.09
CA MET A 967 10.01 -19.40 43.46
C MET A 967 11.10 -19.43 42.39
N VAL A 968 11.92 -20.46 42.33
CA VAL A 968 12.79 -20.63 41.17
C VAL A 968 11.96 -20.96 39.94
N LEU A 969 11.05 -21.94 40.06
CA LEU A 969 10.29 -22.39 38.90
C LEU A 969 9.21 -21.43 38.44
N MET A 970 8.91 -20.37 39.19
CA MET A 970 7.94 -19.40 38.70
C MET A 970 8.56 -18.11 38.20
N VAL A 971 9.61 -17.61 38.84
CA VAL A 971 10.27 -16.41 38.34
C VAL A 971 11.11 -16.71 37.09
N SER A 972 11.66 -17.93 36.99
CA SER A 972 12.24 -18.34 35.72
C SER A 972 11.17 -18.51 34.65
N ALA A 973 9.96 -18.93 35.06
CA ALA A 973 8.88 -19.10 34.10
C ALA A 973 8.43 -17.77 33.51
N ASN A 974 8.51 -16.70 34.29
CA ASN A 974 8.27 -15.38 33.72
C ASN A 974 9.41 -14.97 32.80
N GLY A 975 10.64 -15.34 33.16
CA GLY A 975 11.78 -14.97 32.33
C GLY A 975 11.83 -15.69 31.00
N ALA A 976 11.15 -16.83 30.90
CA ALA A 976 11.00 -17.47 29.61
C ALA A 976 10.15 -16.65 28.66
N ALA A 977 8.97 -16.22 29.12
CA ALA A 977 8.02 -15.54 28.27
C ALA A 977 8.42 -14.10 27.93
N GLU A 978 9.42 -13.53 28.59
CA GLU A 978 10.00 -12.28 28.12
C GLU A 978 11.23 -12.57 27.25
N THR A 979 11.07 -13.50 26.34
CA THR A 979 11.94 -13.76 25.19
C THR A 979 11.11 -13.92 23.93
N LEU A 980 9.96 -14.59 24.02
CA LEU A 980 9.12 -14.85 22.85
C LEU A 980 8.49 -13.57 22.34
N THR A 981 8.25 -12.60 23.22
CA THR A 981 7.75 -11.29 22.83
C THR A 981 8.84 -10.23 22.84
N LEU A 982 10.07 -10.63 22.50
CA LEU A 982 11.15 -9.67 22.32
C LEU A 982 11.76 -9.88 20.94
N ALA A 983 11.65 -11.10 20.40
CA ALA A 983 12.04 -11.42 19.04
C ALA A 983 10.86 -12.10 18.35
N PRO A 984 9.86 -11.34 17.91
CA PRO A 984 8.63 -11.96 17.40
C PRO A 984 8.72 -12.38 15.95
N ASP A 985 7.56 -12.73 15.38
CA ASP A 985 7.30 -12.90 13.95
C ASP A 985 8.00 -14.13 13.39
N PHE A 986 7.86 -15.28 14.04
CA PHE A 986 8.26 -16.54 13.44
C PHE A 986 7.14 -17.57 13.36
N ILE A 987 6.17 -17.54 14.28
CA ILE A 987 5.22 -18.64 14.37
C ILE A 987 4.22 -18.42 13.25
N LYS A 988 4.59 -18.92 12.07
CA LYS A 988 4.06 -18.50 10.78
C LYS A 988 3.92 -16.98 10.68
N GLY A 989 4.98 -16.29 11.10
CA GLY A 989 5.07 -14.85 10.90
C GLY A 989 5.28 -14.48 9.44
N GLY A 990 5.90 -15.36 8.68
CA GLY A 990 5.92 -15.23 7.23
C GLY A 990 6.20 -16.56 6.56
N GLN A 991 5.32 -16.95 5.64
CA GLN A 991 5.57 -18.07 4.74
C GLN A 991 6.19 -17.62 3.43
N ALA A 992 6.79 -16.41 3.42
CA ALA A 992 7.36 -15.79 2.24
C ALA A 992 8.55 -16.55 1.66
N MET A 993 9.06 -17.56 2.36
CA MET A 993 10.10 -18.44 1.81
C MET A 993 9.65 -19.19 0.58
N ARG A 994 8.34 -19.34 0.35
CA ARG A 994 7.88 -19.85 -0.94
C ARG A 994 8.15 -18.84 -2.04
N SER A 995 7.87 -17.56 -1.78
CA SER A 995 7.96 -16.55 -2.82
C SER A 995 9.40 -16.24 -3.22
N VAL A 996 10.37 -16.58 -2.38
CA VAL A 996 11.77 -16.33 -2.71
C VAL A 996 12.30 -17.40 -3.65
N PHE A 997 12.17 -18.67 -3.26
CA PHE A 997 12.77 -19.74 -4.04
C PHE A 997 12.06 -20.00 -5.36
N GLU A 998 10.82 -19.52 -5.50
CA GLU A 998 10.19 -19.52 -6.81
C GLU A 998 10.91 -18.58 -7.75
N LEU A 999 11.38 -17.44 -7.23
CA LEU A 999 11.98 -16.42 -8.07
C LEU A 999 13.46 -16.71 -8.34
N LEU A 1000 14.17 -17.30 -7.38
CA LEU A 1000 15.55 -17.69 -7.64
C LEU A 1000 15.66 -18.89 -8.56
N ASP A 1001 14.60 -19.70 -8.68
CA ASP A 1001 14.69 -20.96 -9.39
C ASP A 1001 13.59 -21.11 -10.42
N ARG A 1002 13.23 -20.01 -11.08
CA ARG A 1002 12.47 -20.10 -12.32
C ARG A 1002 13.47 -20.25 -13.46
N LYS A 1003 13.17 -21.14 -14.39
CA LYS A 1003 14.09 -21.39 -15.49
C LYS A 1003 13.63 -20.65 -16.75
N THR A 1004 14.59 -20.07 -17.46
CA THR A 1004 14.30 -19.33 -18.69
C THR A 1004 14.29 -20.28 -19.88
N GLU A 1005 14.24 -19.69 -21.08
CA GLU A 1005 14.33 -20.46 -22.31
C GLU A 1005 15.41 -19.83 -23.18
N ILE A 1006 15.59 -18.52 -23.05
CA ILE A 1006 16.65 -17.77 -23.72
C ILE A 1006 17.65 -17.36 -22.66
N GLU A 1007 18.85 -17.92 -22.71
CA GLU A 1007 19.88 -17.56 -21.75
C GLU A 1007 20.62 -16.32 -22.25
N PRO A 1008 20.64 -15.23 -21.49
CA PRO A 1008 21.23 -13.98 -22.00
C PRO A 1008 22.73 -14.00 -22.09
N ASP A 1009 23.42 -14.88 -21.37
CA ASP A 1009 24.86 -15.05 -21.52
C ASP A 1009 25.10 -16.56 -21.53
N ASP A 1010 25.03 -17.15 -22.73
CA ASP A 1010 25.10 -18.60 -22.86
C ASP A 1010 26.51 -19.03 -23.23
N PRO A 1011 27.19 -19.80 -22.40
CA PRO A 1011 28.51 -20.33 -22.79
C PRO A 1011 28.38 -21.39 -23.87
N ASP A 1012 29.54 -21.72 -24.45
CA ASP A 1012 29.68 -22.69 -25.56
C ASP A 1012 28.82 -22.27 -26.76
N THR A 1013 29.16 -21.11 -27.32
CA THR A 1013 28.44 -20.55 -28.45
C THR A 1013 29.47 -19.89 -29.36
N THR A 1014 29.21 -19.95 -30.67
CA THR A 1014 30.14 -19.40 -31.66
C THR A 1014 30.24 -17.88 -31.51
N PRO A 1015 31.44 -17.32 -31.56
CA PRO A 1015 31.63 -15.91 -31.16
C PRO A 1015 31.27 -14.95 -32.27
N VAL A 1016 31.54 -13.67 -31.98
CA VAL A 1016 31.28 -12.58 -32.91
C VAL A 1016 32.54 -12.30 -33.72
N PRO A 1017 32.45 -12.19 -35.06
CA PRO A 1017 33.62 -11.81 -35.86
C PRO A 1017 33.97 -10.34 -35.71
N ASP A 1018 34.87 -9.85 -36.58
CA ASP A 1018 35.30 -8.46 -36.53
C ASP A 1018 34.23 -7.52 -37.08
N ARG A 1019 34.62 -6.28 -37.35
CA ARG A 1019 33.67 -5.19 -37.60
C ARG A 1019 32.99 -5.43 -38.94
N LEU A 1020 31.78 -5.98 -38.87
CA LEU A 1020 31.11 -6.66 -39.96
C LEU A 1020 30.36 -5.69 -40.87
N ARG A 1021 29.88 -6.24 -41.98
CA ARG A 1021 29.30 -5.42 -43.05
C ARG A 1021 27.87 -4.99 -42.72
N GLY A 1022 27.23 -5.67 -41.77
CA GLY A 1022 25.88 -5.30 -41.40
C GLY A 1022 24.84 -5.83 -42.36
N GLU A 1023 24.67 -7.15 -42.40
CA GLU A 1023 23.66 -7.78 -43.23
C GLU A 1023 22.50 -8.19 -42.35
N VAL A 1024 21.49 -7.31 -42.27
CA VAL A 1024 20.26 -7.60 -41.56
C VAL A 1024 19.30 -8.22 -42.56
N GLU A 1025 18.72 -9.38 -42.20
CA GLU A 1025 17.90 -10.10 -43.15
C GLU A 1025 16.87 -10.94 -42.41
N LEU A 1026 15.65 -10.94 -42.93
CA LEU A 1026 14.52 -11.67 -42.36
C LEU A 1026 13.94 -12.57 -43.43
N LYS A 1027 13.69 -13.84 -43.07
CA LYS A 1027 13.30 -14.86 -44.04
C LYS A 1027 12.09 -15.63 -43.51
N HIS A 1028 10.92 -15.33 -44.08
CA HIS A 1028 9.68 -16.08 -43.89
C HIS A 1028 9.25 -16.09 -42.42
N ILE A 1029 9.02 -14.89 -41.88
CA ILE A 1029 8.90 -14.68 -40.45
C ILE A 1029 7.43 -14.52 -40.08
N ASP A 1030 7.01 -15.25 -39.05
CA ASP A 1030 5.68 -15.13 -38.46
C ASP A 1030 5.81 -14.78 -36.99
N PHE A 1031 4.85 -14.03 -36.46
CA PHE A 1031 4.94 -13.53 -35.10
C PHE A 1031 3.57 -13.54 -34.42
N SER A 1032 3.60 -13.76 -33.11
CA SER A 1032 2.42 -13.61 -32.27
C SER A 1032 2.90 -13.34 -30.84
N TYR A 1033 2.30 -12.33 -30.20
CA TYR A 1033 2.61 -12.08 -28.80
C TYR A 1033 2.02 -13.19 -27.93
N PRO A 1034 2.77 -13.66 -26.92
CA PRO A 1034 2.19 -14.64 -25.99
C PRO A 1034 1.14 -14.05 -25.07
N SER A 1035 1.06 -12.72 -24.95
CA SER A 1035 -0.01 -12.10 -24.19
C SER A 1035 -1.35 -12.22 -24.92
N ARG A 1036 -1.37 -11.89 -26.21
CA ARG A 1036 -2.56 -12.02 -27.05
C ARG A 1036 -2.19 -12.87 -28.26
N PRO A 1037 -2.22 -14.19 -28.13
CA PRO A 1037 -1.90 -15.07 -29.27
C PRO A 1037 -3.01 -15.21 -30.30
N ASP A 1038 -4.08 -14.42 -30.20
CA ASP A 1038 -5.16 -14.47 -31.18
C ASP A 1038 -4.70 -13.90 -32.52
N ILE A 1039 -4.32 -12.62 -32.53
CA ILE A 1039 -3.97 -11.93 -33.76
C ILE A 1039 -2.54 -12.31 -34.14
N GLN A 1040 -2.39 -12.93 -35.31
CA GLN A 1040 -1.07 -13.11 -35.89
C GLN A 1040 -0.63 -11.81 -36.56
N ILE A 1041 0.58 -11.38 -36.25
CA ILE A 1041 1.09 -10.11 -36.76
C ILE A 1041 1.69 -10.27 -38.15
N PHE A 1042 2.55 -11.26 -38.33
CA PHE A 1042 3.30 -11.45 -39.56
C PHE A 1042 2.91 -12.78 -40.19
N ARG A 1043 2.66 -12.76 -41.50
CA ARG A 1043 2.18 -13.91 -42.25
C ARG A 1043 3.15 -14.14 -43.42
N ASP A 1044 4.15 -14.99 -43.18
CA ASP A 1044 5.22 -15.33 -44.14
C ASP A 1044 5.94 -14.06 -44.60
N LEU A 1045 6.48 -13.33 -43.64
CA LEU A 1045 7.10 -12.05 -43.90
C LEU A 1045 8.60 -12.21 -44.12
N SER A 1046 9.10 -11.66 -45.22
CA SER A 1046 10.52 -11.64 -45.51
C SER A 1046 10.94 -10.22 -45.87
N LEU A 1047 12.19 -9.89 -45.52
CA LEU A 1047 12.72 -8.55 -45.68
C LEU A 1047 14.24 -8.61 -45.54
N ARG A 1048 14.95 -7.84 -46.36
CA ARG A 1048 16.41 -7.91 -46.40
C ARG A 1048 17.00 -6.52 -46.48
N ALA A 1049 17.78 -6.14 -45.47
CA ALA A 1049 18.62 -4.96 -45.54
C ALA A 1049 19.91 -5.31 -46.26
N ARG A 1050 20.32 -4.44 -47.17
CA ARG A 1050 21.53 -4.67 -47.94
C ARG A 1050 22.77 -4.26 -47.13
N ALA A 1051 23.90 -4.15 -47.81
CA ALA A 1051 25.19 -3.98 -47.13
C ALA A 1051 25.44 -2.51 -46.79
N GLY A 1052 24.55 -1.97 -45.96
CA GLY A 1052 24.84 -0.73 -45.26
C GLY A 1052 24.37 0.56 -45.89
N LYS A 1053 23.22 0.56 -46.56
CA LYS A 1053 22.76 1.86 -47.05
C LYS A 1053 21.58 2.43 -46.26
N THR A 1054 20.41 1.79 -46.35
CA THR A 1054 19.14 2.23 -45.76
C THR A 1054 18.12 1.12 -45.99
N LEU A 1055 17.29 0.83 -44.99
CA LEU A 1055 16.11 -0.02 -45.17
C LEU A 1055 14.92 0.63 -44.48
N ALA A 1056 14.66 1.89 -44.81
CA ALA A 1056 13.65 2.67 -44.09
C ALA A 1056 12.24 2.11 -44.33
N LEU A 1057 11.49 1.95 -43.24
CA LEU A 1057 10.16 1.37 -43.29
C LEU A 1057 9.12 2.39 -42.85
N VAL A 1058 7.91 2.27 -43.41
CA VAL A 1058 6.74 2.99 -42.96
C VAL A 1058 5.57 2.02 -42.88
N GLY A 1059 4.41 2.55 -42.51
CA GLY A 1059 3.21 1.77 -42.38
C GLY A 1059 2.09 2.56 -41.73
N PRO A 1060 0.87 2.03 -41.77
CA PRO A 1060 -0.26 2.73 -41.17
C PRO A 1060 -0.44 2.40 -39.70
N SER A 1061 -1.42 3.06 -39.06
CA SER A 1061 -1.96 2.70 -37.75
C SER A 1061 -0.91 2.76 -36.64
N GLY A 1062 -0.38 3.97 -36.43
CA GLY A 1062 0.37 4.27 -35.24
C GLY A 1062 1.77 3.67 -35.19
N CYS A 1063 2.41 3.87 -34.05
CA CYS A 1063 3.78 3.42 -33.83
C CYS A 1063 3.86 2.00 -33.30
N GLY A 1064 2.81 1.19 -33.50
CA GLY A 1064 2.92 -0.23 -33.27
C GLY A 1064 3.82 -0.96 -34.24
N LYS A 1065 4.14 -0.33 -35.38
CA LYS A 1065 5.05 -0.83 -36.39
C LYS A 1065 6.48 -1.07 -35.87
N SER A 1066 6.81 -0.57 -34.68
CA SER A 1066 8.07 -0.81 -34.00
C SER A 1066 8.30 -2.28 -33.65
N SER A 1067 7.32 -3.16 -33.83
CA SER A 1067 7.54 -4.59 -33.64
C SER A 1067 8.16 -5.24 -34.87
N VAL A 1068 9.19 -4.61 -35.42
CA VAL A 1068 10.19 -5.25 -36.25
C VAL A 1068 11.56 -5.19 -35.60
N ILE A 1069 11.84 -4.07 -34.93
CA ILE A 1069 13.02 -3.91 -34.09
C ILE A 1069 13.02 -4.93 -32.95
N SER A 1070 11.83 -5.22 -32.39
CA SER A 1070 11.70 -6.19 -31.31
C SER A 1070 11.99 -7.62 -31.75
N LEU A 1071 12.11 -7.89 -33.05
CA LEU A 1071 12.55 -9.19 -33.52
C LEU A 1071 14.06 -9.26 -33.70
N ILE A 1072 14.72 -8.13 -33.97
CA ILE A 1072 16.16 -8.15 -34.17
C ILE A 1072 16.89 -8.30 -32.84
N GLN A 1073 16.44 -7.56 -31.82
CA GLN A 1073 17.04 -7.56 -30.48
C GLN A 1073 16.86 -8.87 -29.73
N ARG A 1074 16.12 -9.82 -30.30
CA ARG A 1074 15.76 -11.09 -29.68
C ARG A 1074 15.02 -10.83 -28.36
N PHE A 1075 14.14 -9.83 -28.37
CA PHE A 1075 13.23 -9.64 -27.24
C PHE A 1075 12.12 -10.67 -27.26
N TYR A 1076 11.84 -11.26 -28.42
CA TYR A 1076 10.85 -12.32 -28.52
C TYR A 1076 11.36 -13.38 -29.48
N GLU A 1077 10.49 -14.29 -29.88
CA GLU A 1077 10.87 -15.37 -30.76
C GLU A 1077 9.86 -15.43 -31.91
N PRO A 1078 10.31 -15.55 -33.15
CA PRO A 1078 9.35 -15.65 -34.26
C PRO A 1078 8.68 -17.01 -34.27
N SER A 1079 7.48 -17.04 -34.84
CA SER A 1079 6.73 -18.29 -34.87
C SER A 1079 7.34 -19.29 -35.84
N SER A 1080 7.92 -18.79 -36.93
CA SER A 1080 8.57 -19.64 -37.92
C SER A 1080 9.51 -18.77 -38.73
N GLY A 1081 10.59 -19.39 -39.22
CA GLY A 1081 11.51 -18.68 -40.08
C GLY A 1081 12.93 -18.64 -39.57
N ARG A 1082 13.75 -17.74 -40.13
CA ARG A 1082 15.14 -17.60 -39.75
C ARG A 1082 15.48 -16.13 -39.60
N VAL A 1083 16.27 -15.81 -38.58
CA VAL A 1083 16.78 -14.45 -38.41
C VAL A 1083 18.28 -14.51 -38.65
N MET A 1084 18.70 -14.29 -39.89
CA MET A 1084 20.06 -14.54 -40.32
C MET A 1084 20.81 -13.21 -40.44
N ILE A 1085 22.03 -13.18 -39.91
CA ILE A 1085 22.90 -12.02 -40.01
C ILE A 1085 24.26 -12.48 -40.50
N ASP A 1086 24.71 -11.92 -41.63
CA ASP A 1086 25.92 -12.34 -42.36
C ASP A 1086 25.89 -13.83 -42.67
N GLY A 1087 24.72 -14.33 -43.06
CA GLY A 1087 24.54 -15.74 -43.28
C GLY A 1087 24.65 -16.57 -42.02
N LYS A 1088 24.21 -16.05 -40.89
CA LYS A 1088 24.36 -16.74 -39.62
C LYS A 1088 23.23 -16.32 -38.68
N ASP A 1089 22.68 -17.29 -37.97
CA ASP A 1089 21.49 -17.08 -37.15
C ASP A 1089 21.84 -16.35 -35.86
N ILE A 1090 20.85 -15.65 -35.30
CA ILE A 1090 21.03 -14.96 -34.03
C ILE A 1090 20.92 -15.88 -32.83
N ARG A 1091 20.70 -17.18 -33.05
CA ARG A 1091 20.88 -18.17 -32.01
C ARG A 1091 22.26 -18.79 -32.05
N LYS A 1092 23.15 -18.23 -32.85
CA LYS A 1092 24.52 -18.71 -32.98
C LYS A 1092 25.54 -17.69 -32.50
N TYR A 1093 25.16 -16.81 -31.58
CA TYR A 1093 26.06 -15.84 -31.00
C TYR A 1093 25.84 -15.75 -29.49
N ASN A 1094 26.87 -15.30 -28.79
CA ASN A 1094 26.70 -14.89 -27.41
C ASN A 1094 25.84 -13.63 -27.41
N LEU A 1095 24.81 -13.62 -26.57
CA LEU A 1095 23.72 -12.67 -26.74
C LEU A 1095 24.14 -11.25 -26.34
N LYS A 1096 24.90 -11.11 -25.25
CA LYS A 1096 25.48 -9.81 -24.96
C LYS A 1096 26.51 -9.41 -26.01
N ALA A 1097 27.23 -10.38 -26.56
CA ALA A 1097 28.23 -10.08 -27.57
C ALA A 1097 27.58 -9.68 -28.89
N ILE A 1098 26.35 -10.11 -29.15
CA ILE A 1098 25.68 -9.72 -30.39
C ILE A 1098 24.81 -8.48 -30.16
N ARG A 1099 24.51 -8.13 -28.92
CA ARG A 1099 23.90 -6.85 -28.62
C ARG A 1099 24.94 -5.74 -28.46
N LYS A 1100 26.21 -6.04 -28.71
CA LYS A 1100 27.24 -5.02 -28.69
C LYS A 1100 27.08 -4.04 -29.84
N HIS A 1101 27.02 -4.55 -31.07
CA HIS A 1101 27.21 -3.75 -32.26
C HIS A 1101 25.92 -3.20 -32.83
N ILE A 1102 24.83 -3.19 -32.07
CA ILE A 1102 23.53 -2.76 -32.58
C ILE A 1102 23.00 -1.66 -31.68
N ALA A 1103 22.94 -0.44 -32.21
CA ALA A 1103 22.38 0.67 -31.45
C ALA A 1103 20.87 0.71 -31.62
N ILE A 1104 20.20 1.38 -30.69
CA ILE A 1104 18.75 1.45 -30.69
C ILE A 1104 18.32 2.76 -30.02
N VAL A 1105 17.50 3.53 -30.72
CA VAL A 1105 16.85 4.72 -30.16
C VAL A 1105 15.45 4.30 -29.71
N PRO A 1106 15.10 4.48 -28.45
CA PRO A 1106 13.73 4.14 -28.01
C PRO A 1106 12.72 5.14 -28.54
N GLN A 1107 11.46 4.81 -28.36
CA GLN A 1107 10.39 5.65 -28.92
C GLN A 1107 10.20 6.91 -28.09
N GLU A 1108 9.77 6.77 -26.83
CA GLU A 1108 9.61 7.90 -25.93
C GLU A 1108 10.70 7.84 -24.88
N PRO A 1109 11.78 8.59 -25.01
CA PRO A 1109 12.92 8.43 -24.09
C PRO A 1109 12.63 9.04 -22.73
N CYS A 1110 12.65 8.19 -21.71
CA CYS A 1110 12.77 8.60 -20.33
C CYS A 1110 14.20 8.30 -19.87
N LEU A 1111 14.64 8.97 -18.82
CA LEU A 1111 16.04 8.92 -18.46
C LEU A 1111 16.23 8.42 -17.04
N PHE A 1112 17.49 8.17 -16.71
CA PHE A 1112 17.90 7.72 -15.40
C PHE A 1112 18.15 8.92 -14.50
N GLY A 1113 17.84 8.76 -13.22
CA GLY A 1113 18.04 9.84 -12.27
C GLY A 1113 19.50 10.08 -11.91
N THR A 1114 20.30 10.46 -12.90
CA THR A 1114 21.74 10.63 -12.74
C THR A 1114 22.14 11.89 -13.51
N THR A 1115 23.43 12.04 -13.76
CA THR A 1115 23.91 13.18 -14.54
C THR A 1115 23.78 12.89 -16.03
N ILE A 1116 23.73 13.98 -16.80
CA ILE A 1116 23.76 13.89 -18.26
C ILE A 1116 25.09 13.32 -18.73
N TYR A 1117 26.18 13.64 -18.01
CA TYR A 1117 27.49 13.09 -18.34
C TYR A 1117 27.55 11.57 -18.15
N GLU A 1118 26.69 11.01 -17.31
CA GLU A 1118 26.64 9.55 -17.22
C GLU A 1118 25.71 8.94 -18.28
N ASN A 1119 24.58 9.60 -18.57
CA ASN A 1119 23.63 9.06 -19.55
C ASN A 1119 24.19 9.02 -20.96
N ILE A 1120 25.22 9.81 -21.24
CA ILE A 1120 25.94 9.66 -22.50
C ILE A 1120 27.10 8.69 -22.35
N ALA A 1121 27.69 8.60 -21.16
CA ALA A 1121 28.70 7.59 -20.88
C ALA A 1121 28.12 6.20 -20.73
N TYR A 1122 26.81 6.08 -20.58
CA TYR A 1122 26.08 4.80 -20.54
C TYR A 1122 25.82 4.31 -21.97
N GLY A 1123 26.87 4.25 -22.76
CA GLY A 1123 26.75 3.88 -24.15
C GLY A 1123 27.98 3.15 -24.64
N HIS A 1124 28.84 2.75 -23.72
CA HIS A 1124 30.02 1.95 -24.04
C HIS A 1124 30.45 1.26 -22.76
N GLU A 1125 31.29 0.22 -22.91
CA GLU A 1125 31.86 -0.48 -21.77
C GLU A 1125 32.66 0.47 -20.89
N CYS A 1126 33.76 1.01 -21.43
CA CYS A 1126 34.48 2.09 -20.80
C CYS A 1126 33.98 3.42 -21.37
N ALA A 1127 34.65 4.52 -21.04
CA ALA A 1127 34.29 5.83 -21.57
C ALA A 1127 35.46 6.78 -21.38
N THR A 1128 35.76 7.57 -22.40
CA THR A 1128 36.74 8.64 -22.29
C THR A 1128 36.07 9.98 -22.47
N GLU A 1129 36.81 11.04 -22.16
CA GLU A 1129 36.20 12.37 -22.11
C GLU A 1129 35.98 12.93 -23.51
N ALA A 1130 36.98 12.82 -24.38
CA ALA A 1130 36.90 13.45 -25.70
C ALA A 1130 35.88 12.76 -26.60
N GLU A 1131 35.60 11.47 -26.35
CA GLU A 1131 34.58 10.77 -27.13
C GLU A 1131 33.19 11.26 -26.79
N ILE A 1132 32.95 11.65 -25.53
CA ILE A 1132 31.64 12.16 -25.14
C ILE A 1132 31.42 13.54 -25.72
N ILE A 1133 32.46 14.36 -25.76
CA ILE A 1133 32.31 15.77 -26.13
C ILE A 1133 32.08 15.90 -27.63
N GLN A 1134 32.81 15.13 -28.44
CA GLN A 1134 32.67 15.22 -29.89
C GLN A 1134 31.32 14.66 -30.34
N ALA A 1135 30.86 13.58 -29.69
CA ALA A 1135 29.64 12.93 -30.13
C ALA A 1135 28.41 13.75 -29.77
N ALA A 1136 28.42 14.39 -28.61
CA ALA A 1136 27.30 15.27 -28.25
C ALA A 1136 27.25 16.51 -29.13
N THR A 1137 28.41 16.94 -29.64
CA THR A 1137 28.44 18.04 -30.59
C THR A 1137 27.91 17.60 -31.96
N LEU A 1138 28.26 16.40 -32.39
CA LEU A 1138 27.67 15.83 -33.60
C LEU A 1138 26.18 15.57 -33.40
N ALA A 1139 25.76 15.24 -32.17
CA ALA A 1139 24.35 15.15 -31.86
C ALA A 1139 23.66 16.51 -31.83
N SER A 1140 24.42 17.61 -31.81
CA SER A 1140 23.93 18.99 -31.85
C SER A 1140 23.01 19.29 -30.67
N ALA A 1141 23.37 18.76 -29.51
CA ALA A 1141 22.79 19.17 -28.25
C ALA A 1141 23.76 19.95 -27.38
N HIS A 1142 25.05 19.96 -27.75
CA HIS A 1142 26.13 20.59 -27.00
C HIS A 1142 25.93 22.10 -26.80
N LYS A 1143 25.18 22.75 -27.69
CA LYS A 1143 24.98 24.20 -27.62
C LYS A 1143 24.24 24.60 -26.35
N PHE A 1144 23.02 24.07 -26.14
CA PHE A 1144 22.30 24.44 -24.94
C PHE A 1144 22.85 23.76 -23.70
N ILE A 1145 23.55 22.63 -23.86
CA ILE A 1145 24.28 22.03 -22.76
C ILE A 1145 25.37 22.96 -22.26
N SER A 1146 26.02 23.68 -23.19
CA SER A 1146 26.96 24.73 -22.83
C SER A 1146 26.29 25.91 -22.13
N ALA A 1147 24.97 26.08 -22.30
CA ALA A 1147 24.22 27.13 -21.65
C ALA A 1147 23.44 26.65 -20.43
N LEU A 1148 23.54 25.38 -20.08
CA LEU A 1148 22.90 24.88 -18.87
C LEU A 1148 23.62 25.41 -17.63
N PRO A 1149 22.95 25.40 -16.44
CA PRO A 1149 23.63 25.78 -15.20
C PRO A 1149 24.86 24.94 -14.87
N GLU A 1150 24.72 23.62 -14.88
CA GLU A 1150 25.87 22.76 -14.63
C GLU A 1150 26.35 22.03 -15.88
N GLY A 1151 25.55 22.02 -16.95
CA GLY A 1151 25.97 21.44 -18.21
C GLY A 1151 25.99 19.92 -18.22
N TYR A 1152 27.19 19.35 -18.36
CA TYR A 1152 27.31 17.90 -18.35
C TYR A 1152 27.00 17.32 -16.98
N LYS A 1153 27.38 18.01 -15.90
CA LYS A 1153 27.16 17.53 -14.55
C LYS A 1153 25.81 17.96 -13.99
N THR A 1154 24.87 18.35 -14.85
CA THR A 1154 23.54 18.72 -14.40
C THR A 1154 22.78 17.48 -13.94
N TYR A 1155 22.23 17.53 -12.73
CA TYR A 1155 21.43 16.43 -12.21
C TYR A 1155 20.06 16.45 -12.88
N VAL A 1156 19.71 15.37 -13.56
CA VAL A 1156 18.44 15.25 -14.26
C VAL A 1156 17.76 13.96 -13.82
N GLY A 1157 16.61 13.69 -14.44
CA GLY A 1157 15.87 12.48 -14.16
C GLY A 1157 14.47 12.76 -13.67
N GLU A 1158 14.09 12.13 -12.56
CA GLU A 1158 12.79 12.37 -11.95
C GLU A 1158 12.88 13.11 -10.62
N ARG A 1159 14.10 13.45 -10.18
CA ARG A 1159 14.30 14.07 -8.88
C ARG A 1159 14.75 15.52 -8.97
N GLY A 1160 14.98 16.05 -10.17
CA GLY A 1160 15.47 17.40 -10.36
C GLY A 1160 14.78 18.10 -11.51
N VAL A 1161 15.60 18.67 -12.38
CA VAL A 1161 15.12 19.50 -13.48
C VAL A 1161 14.48 18.59 -14.55
N GLN A 1162 13.17 18.71 -14.70
CA GLN A 1162 12.49 18.04 -15.80
C GLN A 1162 12.68 18.85 -17.07
N LEU A 1163 12.94 18.15 -18.18
CA LEU A 1163 13.34 18.80 -19.42
C LEU A 1163 12.20 18.72 -20.45
N SER A 1164 12.48 19.19 -21.66
CA SER A 1164 11.51 19.17 -22.74
C SER A 1164 11.63 17.90 -23.56
N GLY A 1165 10.51 17.50 -24.17
CA GLY A 1165 10.48 16.28 -24.95
C GLY A 1165 11.33 16.33 -26.19
N GLY A 1166 11.53 17.53 -26.75
CA GLY A 1166 12.43 17.66 -27.87
C GLY A 1166 13.89 17.55 -27.47
N GLN A 1167 14.23 18.04 -26.28
CA GLN A 1167 15.58 17.85 -25.78
C GLN A 1167 15.77 16.47 -25.16
N LYS A 1168 14.68 15.82 -24.73
CA LYS A 1168 14.76 14.40 -24.40
C LYS A 1168 15.11 13.57 -25.62
N GLN A 1169 14.67 14.00 -26.80
CA GLN A 1169 15.03 13.30 -28.02
C GLN A 1169 16.51 13.46 -28.35
N ARG A 1170 17.07 14.64 -28.05
CA ARG A 1170 18.46 14.90 -28.41
C ARG A 1170 19.43 14.09 -27.55
N ILE A 1171 19.08 13.89 -26.27
CA ILE A 1171 19.89 13.07 -25.39
C ILE A 1171 19.88 11.61 -25.86
N ALA A 1172 18.70 11.13 -26.27
CA ALA A 1172 18.57 9.76 -26.74
C ALA A 1172 19.33 9.54 -28.03
N ILE A 1173 19.33 10.54 -28.92
CA ILE A 1173 20.16 10.44 -30.12
C ILE A 1173 21.63 10.58 -29.76
N ALA A 1174 21.95 11.37 -28.73
CA ALA A 1174 23.32 11.45 -28.25
C ALA A 1174 23.78 10.13 -27.61
N ARG A 1175 22.84 9.36 -27.06
CA ARG A 1175 23.17 8.05 -26.52
C ARG A 1175 23.61 7.09 -27.62
N ALA A 1176 22.85 7.05 -28.72
CA ALA A 1176 23.08 6.04 -29.75
C ALA A 1176 24.32 6.30 -30.58
N LEU A 1177 24.82 7.52 -30.62
CA LEU A 1177 25.98 7.80 -31.45
C LEU A 1177 27.27 7.28 -30.84
N VAL A 1178 27.31 7.07 -29.53
CA VAL A 1178 28.54 6.69 -28.86
C VAL A 1178 28.89 5.23 -29.13
N ARG A 1179 27.89 4.42 -29.51
CA ARG A 1179 28.07 2.98 -29.68
C ARG A 1179 29.04 2.64 -30.81
N LYS A 1180 29.19 3.54 -31.79
CA LYS A 1180 29.88 3.27 -33.06
C LYS A 1180 29.37 2.00 -33.71
N ALA A 1181 28.05 1.83 -33.68
CA ALA A 1181 27.44 0.57 -34.04
C ALA A 1181 27.31 0.45 -35.55
N GLU A 1182 27.76 -0.68 -36.08
CA GLU A 1182 27.62 -0.95 -37.51
C GLU A 1182 26.15 -1.07 -37.90
N ILE A 1183 25.35 -1.65 -37.03
CA ILE A 1183 23.93 -1.83 -37.26
C ILE A 1183 23.19 -0.85 -36.36
N MET A 1184 22.20 -0.15 -36.91
CA MET A 1184 21.51 0.88 -36.15
C MET A 1184 20.03 0.82 -36.47
N LEU A 1185 19.20 1.03 -35.45
CA LEU A 1185 17.76 0.84 -35.54
C LEU A 1185 17.08 2.11 -35.03
N LEU A 1186 16.88 3.08 -35.91
CA LEU A 1186 16.32 4.35 -35.51
C LEU A 1186 14.79 4.26 -35.50
N ASP A 1187 14.20 4.47 -34.32
CA ASP A 1187 12.76 4.58 -34.18
C ASP A 1187 12.36 6.03 -34.49
N GLN A 1188 11.16 6.45 -34.09
CA GLN A 1188 10.59 7.74 -34.47
C GLN A 1188 11.42 8.92 -33.97
N ALA A 1189 12.18 9.51 -34.88
CA ALA A 1189 13.02 10.67 -34.60
C ALA A 1189 12.31 11.98 -34.86
N THR A 1190 11.03 11.93 -35.19
CA THR A 1190 10.23 13.13 -35.35
C THR A 1190 9.71 13.57 -33.98
N SER A 1191 8.75 14.50 -34.00
CA SER A 1191 8.22 15.20 -32.81
C SER A 1191 9.32 15.93 -32.05
N ALA A 1192 10.38 16.32 -32.76
CA ALA A 1192 11.36 17.29 -32.30
C ALA A 1192 10.96 18.58 -32.99
N LEU A 1193 10.12 19.37 -32.31
CA LEU A 1193 9.40 20.47 -32.94
C LEU A 1193 10.31 21.66 -33.25
N ASP A 1194 11.15 21.48 -34.27
CA ASP A 1194 12.04 22.53 -34.76
C ASP A 1194 12.43 22.17 -36.19
N ALA A 1195 12.01 23.00 -37.14
CA ALA A 1195 12.38 22.78 -38.54
C ALA A 1195 13.86 23.02 -38.80
N GLU A 1196 14.49 23.91 -38.02
CA GLU A 1196 15.93 24.12 -38.14
C GLU A 1196 16.71 22.93 -37.60
N SER A 1197 16.28 22.39 -36.45
CA SER A 1197 17.05 21.34 -35.80
C SER A 1197 16.90 20.01 -36.51
N GLU A 1198 15.69 19.70 -36.99
CA GLU A 1198 15.44 18.42 -37.66
C GLU A 1198 16.23 18.31 -38.96
N ARG A 1199 16.40 19.43 -39.66
CA ARG A 1199 17.28 19.43 -40.84
C ARG A 1199 18.74 19.28 -40.42
N SER A 1200 19.14 19.95 -39.34
CA SER A 1200 20.56 19.99 -38.98
C SER A 1200 21.00 18.67 -38.35
N VAL A 1201 20.12 18.03 -37.56
CA VAL A 1201 20.43 16.71 -37.01
C VAL A 1201 20.55 15.68 -38.13
N GLN A 1202 19.66 15.77 -39.13
CA GLN A 1202 19.69 14.84 -40.25
C GLN A 1202 20.95 15.02 -41.10
N GLU A 1203 21.49 16.24 -41.17
CA GLU A 1203 22.79 16.47 -41.78
C GLU A 1203 23.89 15.70 -41.06
N ALA A 1204 23.82 15.65 -39.73
CA ALA A 1204 24.71 14.78 -38.99
C ALA A 1204 24.30 13.32 -39.13
N LEU A 1205 23.00 13.06 -39.27
CA LEU A 1205 22.55 11.69 -39.50
C LEU A 1205 22.86 11.22 -40.92
N ASP A 1206 23.20 12.12 -41.83
CA ASP A 1206 23.80 11.71 -43.09
C ASP A 1206 25.17 11.10 -42.88
N GLN A 1207 25.90 11.57 -41.87
CA GLN A 1207 27.21 11.03 -41.52
C GLN A 1207 27.13 9.94 -40.46
N ALA A 1208 25.95 9.71 -39.89
CA ALA A 1208 25.79 8.66 -38.88
C ALA A 1208 25.59 7.28 -39.50
N CYS A 1209 25.74 7.14 -40.81
CA CYS A 1209 25.62 5.86 -41.50
C CYS A 1209 26.83 5.64 -42.40
N SER A 1210 28.00 6.11 -41.97
CA SER A 1210 29.22 5.94 -42.73
C SER A 1210 29.68 4.48 -42.67
N GLY A 1211 29.29 3.69 -43.66
CA GLY A 1211 29.57 2.27 -43.63
C GLY A 1211 28.73 1.53 -42.61
N ARG A 1212 27.46 1.89 -42.48
CA ARG A 1212 26.59 1.36 -41.43
C ARG A 1212 25.25 0.95 -42.01
N THR A 1213 24.71 -0.14 -41.49
CA THR A 1213 23.39 -0.61 -41.89
C THR A 1213 22.34 0.01 -41.00
N SER A 1214 21.27 0.51 -41.61
CA SER A 1214 20.30 1.31 -40.86
C SER A 1214 18.89 0.94 -41.25
N ILE A 1215 18.04 0.73 -40.24
CA ILE A 1215 16.59 0.78 -40.39
C ILE A 1215 16.14 2.08 -39.78
N VAL A 1216 15.43 2.90 -40.56
CA VAL A 1216 14.94 4.19 -40.09
C VAL A 1216 13.42 4.15 -40.17
N VAL A 1217 12.78 4.24 -39.02
CA VAL A 1217 11.33 4.16 -38.92
C VAL A 1217 10.84 5.51 -38.45
N ALA A 1218 10.09 6.21 -39.31
CA ALA A 1218 9.69 7.58 -39.01
C ALA A 1218 8.31 7.84 -39.60
N HIS A 1219 7.90 9.10 -39.54
CA HIS A 1219 6.58 9.55 -39.98
C HIS A 1219 6.63 10.46 -41.20
N ARG A 1220 7.41 11.54 -41.12
CA ARG A 1220 7.46 12.51 -42.20
C ARG A 1220 8.26 11.97 -43.37
N LEU A 1221 7.73 12.15 -44.58
CA LEU A 1221 8.31 11.53 -45.77
C LEU A 1221 9.60 12.20 -46.21
N SER A 1222 9.88 13.41 -45.72
CA SER A 1222 11.11 14.10 -46.08
C SER A 1222 12.32 13.44 -45.44
N THR A 1223 12.13 12.77 -44.29
CA THR A 1223 13.23 12.02 -43.68
C THR A 1223 13.61 10.82 -44.54
N ILE A 1224 12.62 10.17 -45.14
CA ILE A 1224 12.85 9.02 -46.00
C ILE A 1224 12.85 9.43 -47.47
N ARG A 1225 13.02 10.72 -47.77
CA ARG A 1225 12.99 11.20 -49.15
C ARG A 1225 14.17 10.65 -49.94
N ASN A 1226 15.34 10.56 -49.31
CA ASN A 1226 16.52 9.99 -49.95
C ASN A 1226 16.78 8.55 -49.52
N ALA A 1227 15.77 7.88 -49.00
CA ALA A 1227 15.94 6.50 -48.53
C ALA A 1227 16.07 5.55 -49.70
N HIS A 1228 16.86 4.49 -49.51
CA HIS A 1228 17.14 3.55 -50.60
C HIS A 1228 15.96 2.63 -50.85
N VAL A 1229 15.55 1.87 -49.83
CA VAL A 1229 14.46 0.91 -49.94
C VAL A 1229 13.37 1.34 -48.96
N ILE A 1230 12.22 1.75 -49.49
CA ILE A 1230 11.07 2.11 -48.68
C ILE A 1230 10.02 1.00 -48.83
N ALA A 1231 9.52 0.50 -47.70
CA ALA A 1231 8.50 -0.54 -47.70
C ALA A 1231 7.39 -0.18 -46.73
N VAL A 1232 6.23 -0.80 -46.93
CA VAL A 1232 5.03 -0.51 -46.16
C VAL A 1232 4.54 -1.82 -45.54
N ILE A 1233 4.28 -1.79 -44.25
CA ILE A 1233 3.70 -2.94 -43.55
C ILE A 1233 2.22 -3.03 -43.91
N ASP A 1234 1.78 -4.20 -44.39
CA ASP A 1234 0.38 -4.42 -44.67
C ASP A 1234 0.08 -5.91 -44.55
N ASP A 1235 -0.69 -6.27 -43.51
CA ASP A 1235 -1.26 -7.61 -43.31
C ASP A 1235 -0.16 -8.67 -43.22
N GLY A 1236 0.89 -8.36 -42.47
CA GLY A 1236 2.01 -9.27 -42.35
C GLY A 1236 2.87 -9.41 -43.59
N LYS A 1237 2.68 -8.54 -44.57
CA LYS A 1237 3.42 -8.61 -45.82
C LYS A 1237 3.90 -7.21 -46.21
N VAL A 1238 4.92 -7.18 -47.01
CA VAL A 1238 5.39 -5.95 -47.64
C VAL A 1238 4.35 -5.55 -48.69
N ALA A 1239 4.07 -4.25 -48.78
CA ALA A 1239 3.13 -3.73 -49.76
C ALA A 1239 3.82 -3.26 -51.03
N GLU A 1240 4.76 -2.33 -50.91
CA GLU A 1240 5.47 -1.78 -52.06
C GLU A 1240 6.96 -1.79 -51.77
N GLN A 1241 7.75 -1.95 -52.83
CA GLN A 1241 9.21 -1.97 -52.73
C GLN A 1241 9.78 -0.93 -53.67
N GLY A 1242 10.56 -0.02 -53.12
CA GLY A 1242 11.22 0.97 -53.96
C GLY A 1242 11.56 2.22 -53.17
N SER A 1243 11.64 3.33 -53.88
CA SER A 1243 12.09 4.59 -53.31
C SER A 1243 11.22 5.71 -53.88
N HIS A 1244 11.70 6.95 -53.69
CA HIS A 1244 10.97 8.13 -54.16
C HIS A 1244 10.90 8.17 -55.68
N SER A 1245 12.03 8.03 -56.35
CA SER A 1245 12.06 8.09 -57.80
C SER A 1245 11.61 6.79 -58.45
N HIS A 1246 11.39 5.73 -57.67
CA HIS A 1246 11.04 4.43 -58.23
C HIS A 1246 9.55 4.13 -58.10
N LEU A 1247 9.00 4.27 -56.89
CA LEU A 1247 7.58 3.97 -56.68
C LEU A 1247 6.66 5.08 -57.14
N LEU A 1248 7.19 6.27 -57.42
CA LEU A 1248 6.38 7.28 -58.08
C LEU A 1248 6.47 7.19 -59.60
N LYS A 1249 7.38 6.37 -60.11
CA LYS A 1249 7.53 6.13 -61.54
C LYS A 1249 6.87 4.82 -61.97
N ASN A 1250 7.18 3.72 -61.29
CA ASN A 1250 6.76 2.40 -61.73
C ASN A 1250 5.42 1.97 -61.14
N HIS A 1251 5.09 2.40 -59.92
CA HIS A 1251 3.80 2.08 -59.30
C HIS A 1251 3.16 3.34 -58.74
N PRO A 1252 2.77 4.29 -59.62
CA PRO A 1252 2.38 5.61 -59.12
C PRO A 1252 0.97 5.68 -58.56
N ASP A 1253 0.21 4.59 -58.61
CA ASP A 1253 -1.20 4.60 -58.24
C ASP A 1253 -1.44 3.99 -56.85
N GLY A 1254 -0.39 3.83 -56.07
CA GLY A 1254 -0.49 3.16 -54.78
C GLY A 1254 -0.64 4.13 -53.62
N ILE A 1255 -0.26 3.64 -52.45
CA ILE A 1255 -0.38 4.40 -51.21
C ILE A 1255 0.69 5.46 -51.12
N TYR A 1256 1.86 5.21 -51.73
CA TYR A 1256 3.02 6.08 -51.58
C TYR A 1256 2.83 7.43 -52.27
N ALA A 1257 1.93 7.54 -53.23
CA ALA A 1257 1.66 8.80 -53.89
C ALA A 1257 0.57 9.61 -53.23
N ARG A 1258 -0.39 8.94 -52.57
CA ARG A 1258 -1.51 9.65 -51.99
C ARG A 1258 -1.16 10.35 -50.68
N MET A 1259 -0.29 9.74 -49.86
CA MET A 1259 0.08 10.34 -48.59
C MET A 1259 1.02 11.53 -48.75
N ILE A 1260 1.64 11.71 -49.92
CA ILE A 1260 2.39 12.91 -50.20
C ILE A 1260 1.47 14.13 -50.23
N GLN A 1261 0.28 13.96 -50.80
CA GLN A 1261 -0.73 15.02 -50.78
C GLN A 1261 -1.31 15.23 -49.38
N LEU A 1262 -1.22 14.23 -48.51
CA LEU A 1262 -1.65 14.41 -47.13
C LEU A 1262 -0.66 15.29 -46.36
N GLN A 1263 0.63 15.02 -46.51
CA GLN A 1263 1.65 15.88 -45.91
C GLN A 1263 2.00 17.04 -46.84
PG ATP B . -15.17 17.99 -21.29
O1G ATP B . -15.60 17.87 -19.85
O2G ATP B . -13.77 17.50 -21.59
O3G ATP B . -16.21 17.51 -22.27
PB ATP B . -14.38 20.56 -20.51
O1B ATP B . -15.42 21.07 -19.54
O2B ATP B . -13.13 19.88 -20.00
O3B ATP B . -15.11 19.57 -21.55
PA ATP B . -12.95 22.94 -20.99
O1A ATP B . -11.61 22.67 -21.62
O2A ATP B . -13.64 24.26 -21.23
O3A ATP B . -13.94 21.76 -21.47
O5' ATP B . -12.78 22.75 -19.41
C5' ATP B . -13.53 23.57 -18.51
C4' ATP B . -12.58 24.65 -17.99
O4' ATP B . -13.10 25.32 -16.83
C3' ATP B . -11.24 24.07 -17.58
O3' ATP B . -10.27 24.30 -18.61
C2' ATP B . -10.84 24.82 -16.33
O2' ATP B . -9.67 25.58 -16.57
C1' ATP B . -12.00 25.75 -16.02
N9 ATP B . -12.35 25.65 -14.59
C8 ATP B . -12.07 26.56 -13.65
N7 ATP B . -12.52 26.16 -12.43
C5 ATP B . -13.09 24.96 -12.60
C6 ATP B . -13.75 23.98 -11.72
N6 ATP B . -13.90 24.22 -10.39
N1 ATP B . -14.21 22.84 -12.28
C2 ATP B . -14.07 22.59 -13.60
N3 ATP B . -13.47 23.44 -14.45
C4 ATP B . -12.97 24.61 -14.02
PG ATP C . 1.10 -1.22 -37.49
O1G ATP C . 1.81 -2.30 -38.25
O2G ATP C . -0.32 -1.01 -37.95
O3G ATP C . 1.89 0.05 -37.30
PB ATP C . 1.34 -3.20 -35.47
O1B ATP C . 2.76 -3.52 -35.88
O2B ATP C . 0.22 -4.14 -35.85
O3B ATP C . 0.92 -1.74 -35.97
PA ATP C . 1.62 -4.15 -32.82
O1A ATP C . 3.00 -3.94 -32.21
O2A ATP C . 1.24 -5.45 -33.46
O3A ATP C . 1.30 -2.98 -33.87
O5' ATP C . 0.53 -3.82 -31.69
C5' ATP C . -0.83 -4.20 -31.94
C4' ATP C . -1.21 -5.30 -30.96
O4' ATP C . -0.01 -5.85 -30.41
C3' ATP C . -2.05 -4.78 -29.82
O3' ATP C . -3.41 -5.21 -29.98
C2' ATP C . -1.46 -5.39 -28.57
O2' ATP C . -2.37 -6.33 -27.99
C1' ATP C . -0.19 -6.09 -29.01
N9 ATP C . 0.93 -5.48 -28.26
C8 ATP C . 1.39 -4.23 -28.44
N7 ATP C . 2.41 -3.96 -27.59
C5 ATP C . 2.61 -5.05 -26.85
C6 ATP C . 3.52 -5.44 -25.75
N6 ATP C . 4.44 -4.58 -25.29
N1 ATP C . 3.39 -6.69 -25.24
C2 ATP C . 2.46 -7.55 -25.70
N3 ATP C . 1.60 -7.27 -26.69
C4 ATP C . 1.62 -6.05 -27.29
C01 BLD D . 11.12 -7.47 35.35
C02 BLD D . 12.27 -6.57 34.90
O02 BLD D . 12.29 -6.51 33.48
C03 BLD D . 12.14 -5.17 35.48
O03 BLD D . 11.00 -4.52 34.92
C04 BLD D . 12.02 -5.22 36.99
C05 BLD D . 10.81 -6.05 37.38
C06 BLD D . 10.55 -5.99 38.87
O06 BLD D . 11.38 -6.15 39.71
C07 BLD D . 8.35 -6.52 38.37
O07 BLD D . 9.28 -5.71 39.11
C08 BLD D . 8.87 -7.93 38.45
C09 BLD D . 9.66 -8.39 37.21
C10 BLD D . 10.92 -7.52 36.88
C11 BLD D . 10.04 -9.86 37.38
C12 BLD D . 8.89 -10.81 37.73
C13 BLD D . 8.05 -10.34 38.89
C14 BLD D . 7.68 -8.85 38.70
C15 BLD D . 6.80 -8.55 39.90
C16 BLD D . 5.92 -9.80 39.94
C17 BLD D . 6.56 -10.83 38.97
C18 BLD D . 8.75 -10.60 40.23
C19 BLD D . 12.15 -8.20 37.50
C20 BLD D . 6.26 -12.28 39.38
C21 BLD D . 6.17 -13.22 38.18
C22 BLD D . 4.98 -12.37 40.23
O22 BLD D . 3.85 -12.10 39.39
C23 BLD D . 4.68 -13.66 41.00
O23 BLD D . 3.45 -13.47 41.72
C24 BLD D . 5.73 -14.22 41.96
C25 BLD D . 5.62 -15.73 42.17
C26 BLD D . 6.98 -16.38 42.44
C27 BLD D . 4.66 -16.11 43.30
C28 BLD D . 5.76 -13.44 43.28
#